data_2IA2
#
_entry.id   2IA2
#
_cell.length_a   60.892
_cell.length_b   121.526
_cell.length_c   174.259
_cell.angle_alpha   90.00
_cell.angle_beta   90.00
_cell.angle_gamma   90.00
#
_symmetry.space_group_name_H-M   'P 21 21 21'
#
loop_
_entity.id
_entity.type
_entity.pdbx_description
1 polymer 'Putative Transcriptional Regulator'
2 water water
#
_entity_poly.entity_id   1
_entity_poly.type   'polypeptide(L)'
_entity_poly.pdbx_seq_one_letter_code
;(MSE)TATEPTEKILPSPDYVQSLARGLAVIRCFDHRNQRRTLSDVARATDLTRATARRFLLTLVELGYVATDGSAFWLT
PRVLELGYSYLSSLSLPEVAQPHLEKLSHKVHESSSVSILDGADIVYVARVPVSRI(MSE)TVGITIGTRLPAYATS
(MSE)GRVLLAGLPDDELDAYLEKLDIQRLTERTITARDELKAAILAVRADGICVLDQELEAGLRS(MSE)AAPIRGASG
LTVAAVNISTPAARYSLEDLHSDLIPSLRVTATDIEQDLATVNR
;
_entity_poly.pdbx_strand_id   A,B,C,D
#
# COMPACT_ATOMS: atom_id res chain seq x y z
N TYR A 16 -21.81 -25.23 2.38
CA TYR A 16 -22.65 -24.16 1.74
C TYR A 16 -23.96 -23.98 2.49
N VAL A 17 -24.06 -22.86 3.23
CA VAL A 17 -25.24 -22.54 4.02
C VAL A 17 -26.34 -21.88 3.16
N GLN A 18 -27.23 -22.73 2.69
CA GLN A 18 -28.36 -22.31 1.86
C GLN A 18 -29.19 -21.18 2.47
N SER A 19 -29.40 -21.23 3.77
CA SER A 19 -30.26 -20.28 4.41
C SER A 19 -29.69 -18.87 4.37
N LEU A 20 -28.38 -18.75 4.49
CA LEU A 20 -27.69 -17.49 4.33
C LEU A 20 -27.86 -16.97 2.91
N ALA A 21 -27.54 -17.81 1.91
CA ALA A 21 -27.73 -17.42 0.52
C ALA A 21 -29.14 -16.89 0.28
N ARG A 22 -30.15 -17.66 0.72
CA ARG A 22 -31.56 -17.29 0.57
C ARG A 22 -31.94 -16.00 1.30
N GLY A 23 -31.54 -15.84 2.56
CA GLY A 23 -31.81 -14.57 3.24
C GLY A 23 -31.23 -13.35 2.50
N LEU A 24 -30.02 -13.49 1.94
CA LEU A 24 -29.41 -12.40 1.19
C LEU A 24 -30.17 -12.11 -0.10
N ALA A 25 -30.65 -13.17 -0.78
CA ALA A 25 -31.40 -13.01 -2.02
C ALA A 25 -32.68 -12.27 -1.76
N VAL A 26 -33.27 -12.51 -0.59
CA VAL A 26 -34.46 -11.78 -0.19
C VAL A 26 -34.16 -10.26 -0.02
N ILE A 27 -33.06 -9.92 0.64
CA ILE A 27 -32.71 -8.50 0.80
C ILE A 27 -32.47 -7.91 -0.58
N ARG A 28 -31.78 -8.66 -1.46
CA ARG A 28 -31.43 -8.13 -2.82
C ARG A 28 -32.66 -7.97 -3.75
N CYS A 29 -33.77 -8.61 -3.43
CA CYS A 29 -34.92 -8.55 -4.35
C CYS A 29 -35.68 -7.21 -4.29
N PHE A 30 -35.36 -6.34 -3.33
CA PHE A 30 -35.83 -4.94 -3.32
C PHE A 30 -34.97 -3.99 -4.17
N ASP A 31 -35.62 -3.12 -4.92
CA ASP A 31 -34.88 -2.17 -5.72
C ASP A 31 -35.80 -1.05 -6.17
N HIS A 32 -35.34 -0.31 -7.17
CA HIS A 32 -36.07 0.87 -7.60
C HIS A 32 -37.48 0.52 -8.13
N ARG A 33 -37.55 -0.58 -8.88
CA ARG A 33 -38.80 -0.95 -9.51
C ARG A 33 -39.65 -1.71 -8.49
N ASN A 34 -39.05 -2.14 -7.40
CA ASN A 34 -39.76 -3.04 -6.46
C ASN A 34 -39.52 -2.63 -5.02
N GLN A 35 -40.19 -1.56 -4.60
CA GLN A 35 -39.88 -0.92 -3.34
C GLN A 35 -40.47 -1.64 -2.14
N ARG A 36 -41.68 -2.15 -2.34
CA ARG A 36 -42.37 -2.97 -1.36
C ARG A 36 -42.80 -4.25 -2.09
N ARG A 37 -42.84 -5.38 -1.38
CA ARG A 37 -43.29 -6.61 -2.03
C ARG A 37 -44.17 -7.46 -1.12
N THR A 38 -45.12 -8.19 -1.71
CA THR A 38 -45.92 -9.14 -0.92
C THR A 38 -45.08 -10.41 -0.72
N LEU A 39 -45.49 -11.25 0.23
CA LEU A 39 -44.93 -12.59 0.35
C LEU A 39 -44.85 -13.37 -1.00
N SER A 40 -45.94 -13.44 -1.76
CA SER A 40 -45.91 -14.21 -3.01
C SER A 40 -44.89 -13.59 -3.98
N ASP A 41 -44.83 -12.27 -3.98
CA ASP A 41 -43.94 -11.58 -4.91
C ASP A 41 -42.47 -11.74 -4.52
N VAL A 42 -42.18 -11.78 -3.23
CA VAL A 42 -40.83 -12.08 -2.77
C VAL A 42 -40.48 -13.53 -3.14
N ALA A 43 -41.43 -14.47 -2.93
CA ALA A 43 -41.23 -15.88 -3.32
C ALA A 43 -40.87 -15.96 -4.81
N ARG A 44 -41.70 -15.35 -5.63
CA ARG A 44 -41.48 -15.32 -7.08
C ARG A 44 -40.13 -14.75 -7.48
N ALA A 45 -39.72 -13.67 -6.83
CA ALA A 45 -38.47 -12.98 -7.18
C ALA A 45 -37.20 -13.75 -6.79
N THR A 46 -37.32 -14.69 -5.85
CA THR A 46 -36.18 -15.38 -5.31
C THR A 46 -36.24 -16.86 -5.65
N ASP A 47 -37.22 -17.26 -6.48
CA ASP A 47 -37.36 -18.68 -6.88
C ASP A 47 -37.69 -19.60 -5.70
N LEU A 48 -38.41 -19.03 -4.72
CA LEU A 48 -38.77 -19.73 -3.48
C LEU A 48 -40.27 -20.00 -3.48
N THR A 49 -40.80 -20.54 -2.39
CA THR A 49 -42.24 -20.72 -2.20
C THR A 49 -42.67 -19.74 -1.11
N ARG A 50 -43.97 -19.56 -0.90
CA ARG A 50 -44.46 -18.71 0.19
C ARG A 50 -43.91 -19.20 1.56
N ALA A 51 -43.95 -20.52 1.79
CA ALA A 51 -43.53 -21.05 3.11
C ALA A 51 -42.03 -20.86 3.39
N THR A 52 -41.18 -21.08 2.37
CA THR A 52 -39.75 -20.86 2.56
C THR A 52 -39.43 -19.36 2.62
N ALA A 53 -39.95 -18.57 1.70
CA ALA A 53 -39.77 -17.11 1.75
C ALA A 53 -40.20 -16.48 3.10
N ARG A 54 -41.36 -16.93 3.62
CA ARG A 54 -41.91 -16.42 4.87
C ARG A 54 -40.90 -16.55 6.02
N ARG A 55 -40.27 -17.73 6.13
CA ARG A 55 -39.29 -18.00 7.17
C ARG A 55 -38.17 -16.97 7.12
N PHE A 56 -37.66 -16.68 5.93
CA PHE A 56 -36.57 -15.72 5.81
C PHE A 56 -37.04 -14.30 6.11
N LEU A 57 -38.16 -13.90 5.51
CA LEU A 57 -38.76 -12.61 5.77
C LEU A 57 -39.01 -12.42 7.27
N LEU A 58 -39.52 -13.43 7.96
CA LEU A 58 -39.84 -13.22 9.38
C LEU A 58 -38.58 -13.14 10.23
N THR A 59 -37.51 -13.78 9.79
CA THR A 59 -36.26 -13.67 10.52
C THR A 59 -35.72 -12.29 10.30
N LEU A 60 -35.73 -11.81 9.06
CA LEU A 60 -35.28 -10.43 8.79
C LEU A 60 -36.08 -9.35 9.50
N VAL A 61 -37.40 -9.49 9.58
CA VAL A 61 -38.19 -8.61 10.42
C VAL A 61 -37.72 -8.65 11.90
N GLU A 62 -37.58 -9.85 12.46
CA GLU A 62 -37.07 -10.02 13.81
C GLU A 62 -35.71 -9.32 14.01
N LEU A 63 -34.80 -9.48 13.04
CA LEU A 63 -33.49 -8.87 13.06
C LEU A 63 -33.51 -7.37 12.80
N GLY A 64 -34.61 -6.82 12.31
CA GLY A 64 -34.68 -5.36 12.12
C GLY A 64 -34.21 -4.86 10.77
N TYR A 65 -33.98 -5.81 9.85
CA TYR A 65 -33.55 -5.51 8.49
C TYR A 65 -34.74 -5.31 7.57
N VAL A 66 -35.88 -5.89 7.94
CA VAL A 66 -37.07 -5.80 7.10
C VAL A 66 -38.16 -5.31 8.00
N ALA A 67 -39.09 -4.52 7.45
CA ALA A 67 -40.30 -4.15 8.17
C ALA A 67 -41.52 -4.62 7.37
N THR A 68 -42.66 -4.73 8.05
CA THR A 68 -43.89 -5.22 7.45
C THR A 68 -45.13 -4.58 8.07
N ASP A 69 -46.21 -4.52 7.28
CA ASP A 69 -47.54 -4.12 7.76
C ASP A 69 -48.53 -5.28 7.77
N GLY A 70 -48.05 -6.51 7.63
CA GLY A 70 -48.93 -7.65 7.47
C GLY A 70 -49.12 -8.15 6.04
N SER A 71 -48.97 -7.28 5.03
CA SER A 71 -49.14 -7.75 3.65
C SER A 71 -47.93 -7.45 2.76
N ALA A 72 -47.38 -6.26 2.88
CA ALA A 72 -46.14 -5.91 2.21
C ALA A 72 -44.95 -5.95 3.20
N PHE A 73 -43.75 -6.15 2.65
CA PHE A 73 -42.48 -6.10 3.35
C PHE A 73 -41.61 -5.11 2.60
N TRP A 74 -40.69 -4.47 3.31
CA TRP A 74 -39.70 -3.58 2.72
C TRP A 74 -38.47 -3.52 3.61
N LEU A 75 -37.40 -2.92 3.11
CA LEU A 75 -36.16 -2.87 3.87
C LEU A 75 -36.13 -1.67 4.78
N THR A 76 -35.30 -1.76 5.82
CA THR A 76 -35.10 -0.69 6.77
C THR A 76 -33.66 -0.24 6.61
N PRO A 77 -33.28 0.95 7.15
CA PRO A 77 -31.89 1.44 7.10
C PRO A 77 -30.88 0.60 7.84
N ARG A 78 -31.30 -0.42 8.57
CA ARG A 78 -30.30 -1.27 9.23
C ARG A 78 -29.45 -2.01 8.22
N VAL A 79 -30.00 -2.22 7.02
CA VAL A 79 -29.25 -2.87 5.96
C VAL A 79 -27.96 -2.14 5.61
N LEU A 80 -27.94 -0.80 5.75
CA LEU A 80 -26.70 -0.03 5.59
C LEU A 80 -25.58 -0.39 6.56
N GLU A 81 -25.93 -0.96 7.71
CA GLU A 81 -24.92 -1.38 8.65
C GLU A 81 -24.05 -2.53 8.11
N LEU A 82 -24.51 -3.19 7.04
CA LEU A 82 -23.73 -4.25 6.42
C LEU A 82 -22.68 -3.65 5.48
N GLY A 83 -21.63 -3.02 6.02
CA GLY A 83 -20.44 -2.68 5.21
C GLY A 83 -20.44 -1.34 4.49
N TYR A 84 -21.59 -0.66 4.46
CA TYR A 84 -21.76 0.39 3.43
C TYR A 84 -20.80 1.58 3.65
N SER A 85 -20.67 2.03 4.89
CA SER A 85 -19.96 3.25 5.12
C SER A 85 -18.46 3.09 4.92
N TYR A 86 -17.94 1.90 4.89
CA TYR A 86 -16.53 1.80 4.57
C TYR A 86 -16.22 1.26 3.21
N LEU A 87 -17.07 0.37 2.69
CA LEU A 87 -16.88 -0.11 1.31
C LEU A 87 -17.13 0.99 0.29
N SER A 88 -18.02 1.94 0.60
CA SER A 88 -18.30 3.08 -0.31
C SER A 88 -17.20 4.16 -0.31
N SER A 89 -16.27 4.03 0.59
CA SER A 89 -15.15 4.97 0.66
C SER A 89 -13.83 4.47 0.03
N LEU A 90 -13.83 3.28 -0.60
CA LEU A 90 -12.62 2.71 -1.20
C LEU A 90 -12.03 3.59 -2.30
N SER A 91 -10.71 3.76 -2.27
CA SER A 91 -10.04 4.57 -3.29
C SER A 91 -9.89 3.73 -4.56
N LEU A 92 -9.57 4.38 -5.67
CA LEU A 92 -9.21 3.58 -6.82
C LEU A 92 -8.11 2.52 -6.58
N PRO A 93 -6.97 2.87 -5.94
CA PRO A 93 -5.98 1.80 -5.72
C PRO A 93 -6.50 0.62 -4.88
N GLU A 94 -7.31 0.88 -3.86
CA GLU A 94 -7.87 -0.18 -3.01
C GLU A 94 -8.87 -1.02 -3.83
N VAL A 95 -9.61 -0.40 -4.74
CA VAL A 95 -10.53 -1.17 -5.60
C VAL A 95 -9.72 -2.08 -6.57
N ALA A 96 -8.71 -1.49 -7.19
CA ALA A 96 -7.81 -2.18 -8.13
C ALA A 96 -6.96 -3.30 -7.55
N GLN A 97 -6.39 -3.11 -6.36
CA GLN A 97 -5.47 -4.11 -5.77
C GLN A 97 -5.86 -5.60 -5.89
N PRO A 98 -7.03 -6.02 -5.34
CA PRO A 98 -7.31 -7.45 -5.41
C PRO A 98 -7.40 -7.97 -6.86
N HIS A 99 -7.74 -7.10 -7.79
CA HIS A 99 -7.85 -7.48 -9.16
C HIS A 99 -6.48 -7.60 -9.81
N LEU A 100 -5.58 -6.73 -9.45
CA LEU A 100 -4.16 -6.87 -9.87
C LEU A 100 -3.56 -8.12 -9.31
N GLU A 101 -3.90 -8.45 -8.06
CA GLU A 101 -3.32 -9.63 -7.43
C GLU A 101 -3.75 -10.86 -8.17
N LYS A 102 -5.05 -10.97 -8.51
CA LYS A 102 -5.55 -12.11 -9.30
C LYS A 102 -4.91 -12.17 -10.68
N LEU A 103 -4.80 -11.04 -11.37
CA LEU A 103 -4.23 -11.01 -12.70
C LEU A 103 -2.77 -11.48 -12.64
N SER A 104 -1.97 -10.84 -11.82
CA SER A 104 -0.56 -11.20 -11.68
C SER A 104 -0.33 -12.65 -11.32
N HIS A 105 -1.19 -13.19 -10.50
CA HIS A 105 -1.07 -14.59 -10.07
C HIS A 105 -1.47 -15.50 -11.20
N LYS A 106 -2.40 -15.08 -12.04
CA LYS A 106 -2.82 -15.88 -13.19
C LYS A 106 -1.75 -15.96 -14.30
N VAL A 107 -1.17 -14.84 -14.69
CA VAL A 107 -0.23 -14.78 -15.82
C VAL A 107 1.25 -14.71 -15.43
N HIS A 108 1.51 -14.57 -14.12
CA HIS A 108 2.87 -14.53 -13.55
C HIS A 108 3.70 -13.43 -14.14
N GLU A 109 3.10 -12.23 -14.19
CA GLU A 109 3.76 -11.04 -14.73
C GLU A 109 3.30 -9.85 -13.88
N SER A 110 4.16 -8.85 -13.81
CA SER A 110 3.83 -7.55 -13.18
C SER A 110 2.58 -6.87 -13.81
N SER A 111 1.66 -6.38 -12.97
CA SER A 111 0.47 -5.61 -13.39
C SER A 111 0.40 -4.35 -12.52
N SER A 112 -0.03 -3.21 -13.10
CA SER A 112 -0.08 -1.93 -12.42
C SER A 112 -1.32 -1.19 -12.82
N VAL A 113 -1.63 -0.16 -12.03
CA VAL A 113 -2.66 0.79 -12.45
C VAL A 113 -2.03 2.17 -12.36
N SER A 114 -2.33 3.04 -13.32
CA SER A 114 -1.84 4.43 -13.22
C SER A 114 -2.92 5.42 -13.61
N ILE A 115 -2.65 6.68 -13.27
CA ILE A 115 -3.54 7.76 -13.66
C ILE A 115 -2.69 8.81 -14.34
N LEU A 116 -3.34 9.75 -15.01
CA LEU A 116 -2.63 10.79 -15.75
C LEU A 116 -2.43 12.04 -14.91
N ASP A 117 -1.22 12.60 -14.96
CA ASP A 117 -0.95 13.89 -14.33
C ASP A 117 -0.19 14.82 -15.27
N GLY A 118 -0.92 15.71 -15.94
CA GLY A 118 -0.40 16.40 -17.10
C GLY A 118 0.28 15.46 -18.09
N ALA A 119 1.59 15.59 -18.21
CA ALA A 119 2.32 14.95 -19.30
C ALA A 119 2.85 13.58 -18.88
N ASP A 120 2.62 13.22 -17.62
CA ASP A 120 3.18 11.99 -17.06
C ASP A 120 2.08 11.11 -16.60
N ILE A 121 2.33 9.82 -16.46
CA ILE A 121 1.43 8.89 -15.75
C ILE A 121 2.06 8.75 -14.41
N VAL A 122 1.24 8.43 -13.42
CA VAL A 122 1.70 8.24 -12.02
C VAL A 122 1.20 6.87 -11.61
N TYR A 123 2.10 6.02 -11.14
CA TYR A 123 1.70 4.70 -10.67
C TYR A 123 0.95 4.80 -9.37
N VAL A 124 -0.20 4.15 -9.30
CA VAL A 124 -1.02 4.19 -8.08
C VAL A 124 -1.24 2.82 -7.42
N ALA A 125 -1.01 1.72 -8.14
CA ALA A 125 -1.15 0.36 -7.55
C ALA A 125 -0.27 -0.54 -8.42
N ARG A 126 0.32 -1.57 -7.82
CA ARG A 126 1.12 -2.49 -8.58
C ARG A 126 1.20 -3.80 -7.86
N VAL A 127 1.39 -4.88 -8.62
CA VAL A 127 1.77 -6.19 -8.03
C VAL A 127 3.03 -6.63 -8.79
N PRO A 128 4.19 -6.75 -8.11
CA PRO A 128 5.43 -7.25 -8.73
C PRO A 128 5.46 -8.80 -8.83
N VAL A 129 6.40 -9.36 -9.59
CA VAL A 129 6.70 -10.78 -9.56
C VAL A 129 8.09 -10.99 -8.92
N SER A 130 8.35 -12.17 -8.36
CA SER A 130 9.63 -12.41 -7.79
C SER A 130 10.51 -12.99 -8.88
N ARG A 131 11.21 -12.15 -9.62
CA ARG A 131 12.19 -12.68 -10.57
C ARG A 131 13.43 -11.85 -10.40
N ILE A 132 14.54 -12.29 -10.98
CA ILE A 132 15.80 -11.55 -10.89
C ILE A 132 15.76 -10.30 -11.75
N MSE A 133 15.31 -10.43 -13.00
CA MSE A 133 15.18 -9.30 -13.86
C MSE A 133 13.70 -8.95 -13.93
O MSE A 133 12.91 -9.73 -14.47
CB MSE A 133 15.72 -9.64 -15.24
CG MSE A 133 15.77 -8.46 -16.21
SE MSE A 133 16.50 -9.02 -17.96
CE MSE A 133 14.84 -9.98 -18.62
N THR A 134 13.35 -7.78 -13.43
CA THR A 134 11.96 -7.39 -13.19
C THR A 134 11.83 -5.97 -13.67
N VAL A 135 10.58 -5.62 -14.00
CA VAL A 135 10.29 -4.49 -14.89
C VAL A 135 9.34 -3.59 -14.16
N GLY A 136 9.10 -3.95 -12.90
CA GLY A 136 8.08 -3.28 -12.08
C GLY A 136 8.63 -1.98 -11.56
N ILE A 137 7.74 -1.00 -11.44
CA ILE A 137 8.11 0.38 -11.01
C ILE A 137 7.35 0.62 -9.70
N THR A 138 7.94 1.30 -8.71
CA THR A 138 7.19 1.58 -7.47
C THR A 138 6.09 2.68 -7.56
N ILE A 139 5.10 2.53 -6.68
CA ILE A 139 3.94 3.44 -6.59
C ILE A 139 4.43 4.87 -6.36
N GLY A 140 3.85 5.86 -7.06
CA GLY A 140 4.32 7.22 -6.99
C GLY A 140 5.31 7.61 -8.07
N THR A 141 5.85 6.62 -8.78
CA THR A 141 6.78 6.94 -9.86
C THR A 141 5.99 7.54 -11.02
N ARG A 142 6.60 8.49 -11.70
CA ARG A 142 6.10 9.07 -12.91
C ARG A 142 6.92 8.68 -14.12
N LEU A 143 6.26 8.55 -15.25
CA LEU A 143 6.93 8.23 -16.51
C LEU A 143 6.21 9.08 -17.57
N PRO A 144 6.92 9.44 -18.66
CA PRO A 144 6.21 10.22 -19.70
C PRO A 144 5.05 9.45 -20.34
N ALA A 145 3.88 10.08 -20.47
CA ALA A 145 2.71 9.42 -21.02
C ALA A 145 2.91 8.88 -22.44
N TYR A 146 3.61 9.65 -23.28
CA TYR A 146 3.84 9.29 -24.71
C TYR A 146 4.62 8.01 -24.95
N ALA A 147 5.37 7.56 -23.96
CA ALA A 147 6.28 6.44 -24.16
C ALA A 147 5.90 5.21 -23.35
N THR A 148 4.68 5.20 -22.80
CA THR A 148 4.19 4.06 -22.01
C THR A 148 2.84 3.62 -22.58
N SER A 149 2.49 2.35 -22.36
CA SER A 149 1.25 1.82 -22.84
C SER A 149 0.10 2.44 -22.09
N MSE A 150 0.21 2.53 -20.76
CA MSE A 150 -0.80 3.22 -19.95
C MSE A 150 -0.95 4.71 -20.35
O MSE A 150 -2.04 5.21 -20.44
CB MSE A 150 -0.44 3.09 -18.46
CG MSE A 150 -0.69 1.68 -18.00
SE MSE A 150 -0.59 1.37 -16.09
CE MSE A 150 1.27 1.79 -15.77
N GLY A 151 0.16 5.38 -20.64
CA GLY A 151 0.12 6.76 -21.07
C GLY A 151 -0.66 6.97 -22.34
N ARG A 152 -0.46 6.10 -23.33
CA ARG A 152 -1.22 6.20 -24.59
C ARG A 152 -2.66 5.91 -24.44
N VAL A 153 -2.98 4.97 -23.57
CA VAL A 153 -4.36 4.73 -23.16
C VAL A 153 -4.98 5.96 -22.52
N LEU A 154 -4.26 6.60 -21.60
CA LEU A 154 -4.81 7.78 -20.89
C LEU A 154 -4.97 8.95 -21.85
N LEU A 155 -3.96 9.19 -22.70
CA LEU A 155 -4.04 10.23 -23.71
C LEU A 155 -5.20 10.04 -24.71
N ALA A 156 -5.50 8.79 -25.09
CA ALA A 156 -6.63 8.50 -25.97
C ALA A 156 -7.94 8.92 -25.32
N GLY A 157 -7.95 9.01 -23.99
CA GLY A 157 -9.13 9.38 -23.24
C GLY A 157 -9.35 10.87 -23.16
N LEU A 158 -8.37 11.70 -23.52
CA LEU A 158 -8.55 13.15 -23.44
C LEU A 158 -9.61 13.68 -24.42
N PRO A 159 -10.27 14.82 -24.09
CA PRO A 159 -11.02 15.57 -25.16
C PRO A 159 -10.04 15.98 -26.26
N ASP A 160 -10.49 15.98 -27.53
CA ASP A 160 -9.64 16.33 -28.68
C ASP A 160 -8.84 17.62 -28.55
N ASP A 161 -9.43 18.65 -27.96
CA ASP A 161 -8.70 19.91 -27.86
C ASP A 161 -7.56 19.79 -26.86
N GLU A 162 -7.79 18.99 -25.81
CA GLU A 162 -6.75 18.74 -24.80
C GLU A 162 -5.64 17.87 -25.36
N LEU A 163 -6.00 16.79 -26.06
CA LEU A 163 -5.01 15.98 -26.73
C LEU A 163 -4.11 16.79 -27.69
N ASP A 164 -4.74 17.64 -28.52
CA ASP A 164 -4.01 18.43 -29.51
C ASP A 164 -3.07 19.42 -28.84
N ALA A 165 -3.51 20.01 -27.73
CA ALA A 165 -2.71 20.89 -26.89
C ALA A 165 -1.50 20.18 -26.31
N TYR A 166 -1.75 19.01 -25.73
CA TYR A 166 -0.68 18.15 -25.21
C TYR A 166 0.37 17.84 -26.28
N LEU A 167 -0.09 17.54 -27.50
CA LEU A 167 0.79 17.12 -28.57
C LEU A 167 1.57 18.30 -29.11
N GLU A 168 0.94 19.48 -29.13
CA GLU A 168 1.65 20.72 -29.47
C GLU A 168 2.81 21.03 -28.50
N LYS A 169 2.55 20.89 -27.22
CA LYS A 169 3.51 21.15 -26.15
C LYS A 169 4.62 20.08 -26.01
N LEU A 170 4.41 18.88 -26.54
CA LEU A 170 5.28 17.74 -26.28
C LEU A 170 6.62 17.80 -26.98
N ASP A 171 7.65 17.50 -26.21
CA ASP A 171 9.04 17.33 -26.69
C ASP A 171 9.28 15.81 -26.72
N ILE A 172 9.05 15.19 -27.88
CA ILE A 172 9.26 13.74 -28.04
C ILE A 172 10.75 13.47 -28.06
N GLN A 173 11.27 12.68 -27.13
CA GLN A 173 12.70 12.30 -27.13
C GLN A 173 12.93 10.90 -27.70
N ARG A 174 14.08 10.67 -28.34
CA ARG A 174 14.40 9.33 -28.86
C ARG A 174 14.94 8.51 -27.70
N LEU A 175 14.07 7.84 -26.97
CA LEU A 175 14.49 7.03 -25.82
C LEU A 175 15.20 5.71 -26.18
N THR A 176 14.72 5.04 -27.22
CA THR A 176 15.32 3.80 -27.75
C THR A 176 15.36 3.98 -29.25
N GLU A 177 15.92 3.02 -30.00
CA GLU A 177 15.83 3.07 -31.47
C GLU A 177 14.42 2.90 -32.01
N ARG A 178 13.50 2.44 -31.17
CA ARG A 178 12.10 2.24 -31.62
C ARG A 178 11.08 3.24 -31.16
N THR A 179 11.50 4.24 -30.41
CA THR A 179 10.59 5.27 -29.95
C THR A 179 10.02 6.02 -31.16
N ILE A 180 8.69 6.12 -31.21
CA ILE A 180 8.00 6.96 -32.19
C ILE A 180 8.56 8.37 -32.07
N THR A 181 8.81 8.98 -33.22
CA THR A 181 9.51 10.23 -33.21
C THR A 181 8.74 11.43 -33.79
N ALA A 182 7.61 11.19 -34.44
CA ALA A 182 6.88 12.28 -35.06
C ALA A 182 5.53 12.50 -34.39
N ARG A 183 5.18 13.76 -34.15
CA ARG A 183 3.93 14.14 -33.48
C ARG A 183 2.71 13.55 -34.18
N ASP A 184 2.77 13.51 -35.51
CA ASP A 184 1.68 12.94 -36.31
C ASP A 184 1.58 11.39 -36.18
N GLU A 185 2.72 10.73 -36.13
CA GLU A 185 2.78 9.28 -35.93
C GLU A 185 2.36 8.92 -34.50
N LEU A 186 2.74 9.77 -33.54
CA LEU A 186 2.29 9.58 -32.17
C LEU A 186 0.79 9.74 -32.04
N LYS A 187 0.22 10.79 -32.62
CA LYS A 187 -1.22 11.02 -32.58
C LYS A 187 -1.95 9.81 -33.16
N ALA A 188 -1.40 9.25 -34.23
CA ALA A 188 -1.99 8.09 -34.90
C ALA A 188 -1.97 6.85 -34.00
N ALA A 189 -0.85 6.61 -33.31
CA ALA A 189 -0.75 5.50 -32.38
C ALA A 189 -1.77 5.66 -31.24
N ILE A 190 -1.96 6.89 -30.77
CA ILE A 190 -2.95 7.18 -29.72
C ILE A 190 -4.40 6.98 -30.18
N LEU A 191 -4.73 7.45 -31.40
CA LEU A 191 -6.06 7.20 -31.93
C LEU A 191 -6.28 5.70 -32.22
N ALA A 192 -5.24 4.95 -32.62
CA ALA A 192 -5.40 3.50 -32.78
C ALA A 192 -5.82 2.85 -31.45
N VAL A 193 -5.20 3.29 -30.35
CA VAL A 193 -5.58 2.84 -29.00
C VAL A 193 -7.05 3.13 -28.72
N ARG A 194 -7.52 4.30 -29.13
CA ARG A 194 -8.93 4.65 -28.98
C ARG A 194 -9.79 3.59 -29.70
N ALA A 195 -9.43 3.22 -30.94
CA ALA A 195 -10.17 2.19 -31.71
C ALA A 195 -10.04 0.74 -31.16
N ASP A 196 -8.83 0.32 -30.77
CA ASP A 196 -8.62 -1.07 -30.32
C ASP A 196 -9.03 -1.37 -28.88
N GLY A 197 -9.08 -0.34 -28.04
CA GLY A 197 -9.31 -0.58 -26.62
C GLY A 197 -8.07 -1.09 -25.85
N ILE A 198 -6.94 -1.22 -26.52
CA ILE A 198 -5.69 -1.63 -25.86
C ILE A 198 -4.52 -0.96 -26.53
N CYS A 199 -3.36 -0.94 -25.84
CA CYS A 199 -2.15 -0.41 -26.41
C CYS A 199 -1.08 -1.41 -26.12
N VAL A 200 -0.32 -1.77 -27.12
CA VAL A 200 0.88 -2.53 -26.92
C VAL A 200 2.07 -1.66 -27.26
N LEU A 201 2.98 -1.56 -26.30
CA LEU A 201 4.17 -0.79 -26.46
C LEU A 201 5.36 -1.70 -26.52
N ASP A 202 6.05 -1.68 -27.64
CA ASP A 202 7.12 -2.62 -27.93
C ASP A 202 8.45 -1.92 -27.89
N GLN A 203 9.03 -1.89 -26.72
CA GLN A 203 10.41 -1.38 -26.50
C GLN A 203 10.68 0.08 -26.92
N GLU A 204 9.72 0.97 -26.70
CA GLU A 204 9.91 2.39 -26.98
C GLU A 204 10.40 3.14 -25.74
N LEU A 205 10.26 2.49 -24.58
CA LEU A 205 10.66 3.10 -23.31
C LEU A 205 12.07 2.59 -22.98
N GLU A 206 12.21 1.28 -22.98
CA GLU A 206 13.49 0.67 -22.69
C GLU A 206 13.63 -0.57 -23.58
N ALA A 207 14.84 -0.81 -24.09
CA ALA A 207 15.06 -1.96 -24.99
C ALA A 207 14.81 -3.25 -24.20
N GLY A 208 14.21 -4.25 -24.82
CA GLY A 208 13.95 -5.51 -24.11
C GLY A 208 12.70 -5.48 -23.23
N LEU A 209 11.96 -4.38 -23.21
CA LEU A 209 10.77 -4.29 -22.32
C LEU A 209 9.52 -4.08 -23.13
N ARG A 210 8.48 -4.85 -22.82
CA ARG A 210 7.18 -4.64 -23.45
C ARG A 210 6.07 -4.39 -22.42
N SER A 211 5.04 -3.64 -22.81
CA SER A 211 3.90 -3.34 -21.90
C SER A 211 2.67 -3.37 -22.71
N MSE A 212 1.55 -3.76 -22.09
CA MSE A 212 0.23 -3.62 -22.72
C MSE A 212 -0.78 -3.08 -21.72
O MSE A 212 -0.70 -3.46 -20.56
CB MSE A 212 -0.23 -4.94 -23.30
CG MSE A 212 -0.42 -6.07 -22.29
SE MSE A 212 0.72 -7.68 -22.76
CE MSE A 212 2.62 -6.85 -22.60
N ALA A 213 -1.67 -2.22 -22.16
CA ALA A 213 -2.56 -1.53 -21.23
C ALA A 213 -3.97 -1.40 -21.78
N ALA A 214 -4.93 -1.22 -20.88
CA ALA A 214 -6.32 -1.09 -21.25
C ALA A 214 -6.90 0.02 -20.36
N PRO A 215 -7.92 0.74 -20.86
CA PRO A 215 -8.60 1.75 -20.06
C PRO A 215 -9.44 1.21 -18.91
N ILE A 216 -9.46 1.99 -17.84
CA ILE A 216 -10.45 1.83 -16.83
C ILE A 216 -11.34 3.07 -16.90
N ARG A 217 -12.62 2.86 -17.16
CA ARG A 217 -13.58 3.96 -17.31
C ARG A 217 -14.44 4.16 -16.10
N GLY A 218 -14.77 5.42 -15.85
CA GLY A 218 -15.86 5.82 -14.91
C GLY A 218 -17.22 5.40 -15.45
N ALA A 219 -18.28 5.49 -14.64
CA ALA A 219 -19.64 4.98 -15.06
C ALA A 219 -20.26 5.69 -16.30
N SER A 220 -19.80 6.92 -16.58
CA SER A 220 -20.12 7.72 -17.78
C SER A 220 -19.24 7.41 -19.04
N GLY A 221 -18.33 6.46 -18.93
CA GLY A 221 -17.50 6.07 -20.03
C GLY A 221 -16.25 6.89 -20.19
N LEU A 222 -16.00 7.80 -19.30
CA LEU A 222 -14.75 8.53 -19.31
C LEU A 222 -13.58 7.70 -18.76
N THR A 223 -12.47 7.63 -19.48
CA THR A 223 -11.26 7.00 -18.98
C THR A 223 -10.68 7.72 -17.77
N VAL A 224 -10.55 7.04 -16.66
CA VAL A 224 -10.03 7.64 -15.45
C VAL A 224 -8.72 7.00 -15.03
N ALA A 225 -8.39 5.80 -15.51
CA ALA A 225 -7.14 5.16 -15.12
C ALA A 225 -6.76 4.19 -16.23
N ALA A 226 -5.57 3.60 -16.16
CA ALA A 226 -5.24 2.51 -17.06
C ALA A 226 -4.66 1.35 -16.25
N VAL A 227 -4.81 0.12 -16.73
CA VAL A 227 -4.21 -1.05 -16.07
C VAL A 227 -3.25 -1.68 -17.11
N ASN A 228 -2.10 -2.20 -16.68
CA ASN A 228 -1.18 -2.84 -17.60
C ASN A 228 -0.70 -4.19 -17.13
N ILE A 229 -0.04 -4.90 -18.06
CA ILE A 229 0.88 -5.98 -17.75
C ILE A 229 2.20 -5.52 -18.37
N SER A 230 3.32 -5.67 -17.67
CA SER A 230 4.61 -5.31 -18.24
C SER A 230 5.51 -6.53 -18.21
N THR A 231 6.31 -6.72 -19.28
CA THR A 231 7.10 -7.95 -19.41
C THR A 231 8.34 -7.79 -20.29
N PRO A 232 9.44 -8.52 -19.97
CA PRO A 232 10.56 -8.52 -20.91
C PRO A 232 10.13 -9.01 -22.27
N ALA A 233 10.64 -8.38 -23.31
CA ALA A 233 10.37 -8.83 -24.66
C ALA A 233 10.72 -10.32 -24.82
N ALA A 234 11.75 -10.81 -24.12
CA ALA A 234 12.21 -12.22 -24.31
C ALA A 234 11.22 -13.29 -23.82
N ARG A 235 10.29 -12.95 -22.94
CA ARG A 235 9.37 -13.97 -22.42
C ARG A 235 8.20 -14.34 -23.36
N TYR A 236 7.84 -13.43 -24.28
CA TYR A 236 6.68 -13.68 -25.23
C TYR A 236 6.96 -13.08 -26.61
N SER A 237 6.61 -13.77 -27.68
CA SER A 237 6.51 -13.10 -29.00
C SER A 237 5.33 -12.12 -28.97
N LEU A 238 5.34 -11.12 -29.86
CA LEU A 238 4.18 -10.23 -29.97
C LEU A 238 2.82 -10.99 -30.14
N GLU A 239 2.84 -12.06 -30.92
CA GLU A 239 1.65 -12.89 -31.11
C GLU A 239 1.22 -13.58 -29.83
N ASP A 240 2.15 -14.12 -29.04
CA ASP A 240 1.79 -14.74 -27.72
C ASP A 240 1.10 -13.76 -26.76
N LEU A 241 1.46 -12.48 -26.81
CA LEU A 241 0.82 -11.48 -25.91
C LEU A 241 -0.69 -11.44 -26.15
N HIS A 242 -1.09 -11.47 -27.43
CA HIS A 242 -2.51 -11.44 -27.82
C HIS A 242 -3.21 -12.70 -27.43
N SER A 243 -2.54 -13.85 -27.40
CA SER A 243 -3.29 -15.08 -27.09
C SER A 243 -3.31 -15.37 -25.62
N ASP A 244 -2.25 -14.95 -24.94
CA ASP A 244 -2.00 -15.37 -23.56
C ASP A 244 -2.20 -14.34 -22.43
N LEU A 245 -2.10 -13.04 -22.71
CA LEU A 245 -2.03 -11.99 -21.68
C LEU A 245 -3.09 -10.93 -21.90
N ILE A 246 -3.27 -10.49 -23.15
CA ILE A 246 -4.16 -9.36 -23.39
C ILE A 246 -5.63 -9.75 -23.06
N PRO A 247 -6.10 -10.99 -23.37
CA PRO A 247 -7.47 -11.37 -22.96
C PRO A 247 -7.75 -11.21 -21.47
N SER A 248 -6.80 -11.63 -20.65
CA SER A 248 -6.95 -11.48 -19.20
C SER A 248 -6.89 -10.03 -18.78
N LEU A 249 -5.97 -9.27 -19.37
CA LEU A 249 -5.88 -7.82 -19.11
C LEU A 249 -7.24 -7.12 -19.36
N ARG A 250 -7.92 -7.47 -20.45
CA ARG A 250 -9.24 -6.89 -20.76
C ARG A 250 -10.27 -7.19 -19.70
N VAL A 251 -10.27 -8.43 -19.23
CA VAL A 251 -11.22 -8.85 -18.21
C VAL A 251 -10.93 -8.15 -16.87
N THR A 252 -9.66 -7.96 -16.54
CA THR A 252 -9.29 -7.29 -15.31
C THR A 252 -9.75 -5.85 -15.35
N ALA A 253 -9.53 -5.17 -16.48
CA ALA A 253 -9.93 -3.79 -16.63
C ALA A 253 -11.44 -3.69 -16.35
N THR A 254 -12.25 -4.57 -16.96
CA THR A 254 -13.69 -4.52 -16.80
C THR A 254 -14.14 -4.86 -15.33
N ASP A 255 -13.51 -5.85 -14.73
CA ASP A 255 -13.74 -6.12 -13.30
C ASP A 255 -13.47 -4.91 -12.40
N ILE A 256 -12.39 -4.17 -12.67
CA ILE A 256 -12.04 -2.99 -11.87
C ILE A 256 -13.08 -1.86 -12.11
N GLU A 257 -13.43 -1.63 -13.37
CA GLU A 257 -14.50 -0.70 -13.74
C GLU A 257 -15.79 -0.94 -13.00
N GLN A 258 -16.19 -2.20 -12.95
CA GLN A 258 -17.49 -2.55 -12.43
C GLN A 258 -17.47 -2.28 -10.92
N ASP A 259 -16.38 -2.64 -10.25
CA ASP A 259 -16.26 -2.39 -8.79
C ASP A 259 -16.21 -0.90 -8.49
N LEU A 260 -15.55 -0.18 -9.35
CA LEU A 260 -15.37 1.24 -9.10
C LEU A 260 -16.72 1.90 -9.22
N ALA A 261 -17.52 1.43 -10.16
CA ALA A 261 -18.83 2.01 -10.36
C ALA A 261 -19.71 1.72 -9.15
N THR A 262 -19.64 0.50 -8.62
CA THR A 262 -20.46 0.12 -7.46
C THR A 262 -20.11 0.93 -6.22
N VAL A 263 -18.82 1.12 -6.01
CA VAL A 263 -18.29 1.83 -4.89
C VAL A 263 -18.76 3.28 -4.92
N ASN A 264 -18.66 3.88 -6.09
CA ASN A 264 -19.01 5.31 -6.26
C ASN A 264 -20.48 5.63 -6.54
N ARG A 265 -21.30 4.61 -6.72
CA ARG A 265 -22.71 4.78 -7.03
C ARG A 265 -23.39 5.70 -6.02
N VAL B 17 12.29 -16.28 27.72
CA VAL B 17 13.22 -17.36 27.30
C VAL B 17 14.68 -16.88 27.29
N GLN B 18 15.50 -17.54 28.11
CA GLN B 18 16.89 -17.14 28.32
C GLN B 18 17.87 -17.67 27.28
N SER B 19 17.65 -18.91 26.86
CA SER B 19 18.60 -19.64 26.03
C SER B 19 18.66 -19.11 24.60
N LEU B 20 17.51 -18.67 24.10
CA LEU B 20 17.43 -18.02 22.81
C LEU B 20 18.31 -16.76 22.72
N ALA B 21 18.10 -15.82 23.65
CA ALA B 21 18.91 -14.60 23.76
C ALA B 21 20.42 -14.90 23.73
N ARG B 22 20.82 -15.95 24.47
CA ARG B 22 22.22 -16.32 24.67
C ARG B 22 22.84 -16.86 23.38
N GLY B 23 22.14 -17.77 22.71
CA GLY B 23 22.60 -18.29 21.42
C GLY B 23 22.64 -17.24 20.31
N LEU B 24 21.76 -16.24 20.37
CA LEU B 24 21.80 -15.15 19.38
C LEU B 24 23.01 -14.26 19.65
N ALA B 25 23.36 -14.09 20.93
CA ALA B 25 24.55 -13.34 21.34
C ALA B 25 25.85 -14.02 20.89
N VAL B 26 25.88 -15.35 20.95
CA VAL B 26 27.01 -16.14 20.48
C VAL B 26 27.26 -15.91 18.99
N ILE B 27 26.19 -15.96 18.18
CA ILE B 27 26.25 -15.64 16.74
C ILE B 27 26.88 -14.27 16.51
N ARG B 28 26.41 -13.28 17.24
CA ARG B 28 26.79 -11.90 17.04
C ARG B 28 28.16 -11.51 17.53
N CYS B 29 28.88 -12.41 18.21
CA CYS B 29 30.21 -12.11 18.73
C CYS B 29 31.31 -12.37 17.70
N PHE B 30 30.91 -12.88 16.53
CA PHE B 30 31.80 -13.07 15.40
C PHE B 30 31.66 -11.84 14.51
N ASP B 31 32.80 -11.28 14.12
CA ASP B 31 32.84 -10.10 13.27
C ASP B 31 34.21 -10.07 12.59
N HIS B 32 34.57 -8.94 12.00
CA HIS B 32 35.85 -8.78 11.26
C HIS B 32 37.06 -8.93 12.19
N ARG B 33 36.95 -8.38 13.39
CA ARG B 33 38.03 -8.42 14.37
C ARG B 33 38.17 -9.79 15.07
N ASN B 34 37.12 -10.61 14.99
CA ASN B 34 37.09 -11.95 15.61
C ASN B 34 36.41 -13.01 14.74
N GLN B 35 37.12 -13.41 13.68
CA GLN B 35 36.58 -14.22 12.58
C GLN B 35 36.49 -15.71 12.91
N ARG B 36 37.28 -16.11 13.89
CA ARG B 36 37.31 -17.48 14.41
C ARG B 36 37.57 -17.35 15.93
N ARG B 37 36.82 -18.10 16.73
CA ARG B 37 36.96 -18.06 18.20
C ARG B 37 37.00 -19.47 18.83
N THR B 38 37.92 -19.68 19.77
CA THR B 38 37.91 -20.92 20.56
C THR B 38 36.78 -20.84 21.58
N LEU B 39 36.46 -21.99 22.17
CA LEU B 39 35.42 -22.11 23.16
C LEU B 39 35.63 -21.13 24.33
N SER B 40 36.91 -20.91 24.70
CA SER B 40 37.31 -19.94 25.74
C SER B 40 36.92 -18.50 25.39
N ASP B 41 37.38 -18.05 24.24
CA ASP B 41 37.05 -16.73 23.74
C ASP B 41 35.56 -16.43 23.61
N VAL B 42 34.80 -17.45 23.23
CA VAL B 42 33.37 -17.34 23.30
C VAL B 42 32.99 -17.23 24.76
N ALA B 43 33.01 -16.01 25.27
CA ALA B 43 33.02 -15.80 26.72
C ALA B 43 32.72 -14.34 26.98
N ARG B 44 31.45 -14.01 27.13
CA ARG B 44 30.70 -13.37 26.05
C ARG B 44 30.07 -14.44 25.20
N LEU B 48 28.92 -15.18 30.10
CA LEU B 48 28.37 -16.57 29.91
C LEU B 48 29.43 -17.64 30.21
N THR B 49 29.11 -18.56 31.12
CA THR B 49 30.02 -19.63 31.56
C THR B 49 30.44 -20.61 30.47
N ARG B 50 31.61 -21.23 30.65
CA ARG B 50 32.27 -22.08 29.63
C ARG B 50 31.50 -23.34 29.23
N ALA B 51 31.05 -24.14 30.21
CA ALA B 51 30.22 -25.33 29.91
C ALA B 51 28.95 -24.98 29.12
N THR B 52 28.26 -23.89 29.51
CA THR B 52 27.04 -23.42 28.82
C THR B 52 27.31 -22.86 27.40
N ALA B 53 28.35 -22.03 27.26
CA ALA B 53 28.83 -21.55 25.95
C ALA B 53 29.14 -22.71 24.99
N ARG B 54 29.48 -23.87 25.55
CA ARG B 54 29.71 -25.08 24.75
C ARG B 54 28.42 -25.77 24.29
N ARG B 55 27.39 -25.76 25.14
CA ARG B 55 26.07 -26.26 24.74
C ARG B 55 25.57 -25.51 23.50
N PHE B 56 25.64 -24.18 23.53
CA PHE B 56 25.18 -23.34 22.42
C PHE B 56 26.02 -23.54 21.15
N LEU B 57 27.34 -23.57 21.27
CA LEU B 57 28.20 -23.79 20.12
C LEU B 57 27.96 -25.13 19.40
N LEU B 58 27.83 -26.23 20.15
CA LEU B 58 27.40 -27.54 19.60
C LEU B 58 26.00 -27.56 18.94
N THR B 59 25.05 -26.90 19.59
CA THR B 59 23.72 -26.70 19.02
C THR B 59 23.88 -25.99 17.66
N LEU B 60 24.59 -24.86 17.66
CA LEU B 60 24.74 -24.07 16.44
C LEU B 60 25.47 -24.83 15.34
N VAL B 61 26.47 -25.63 15.70
CA VAL B 61 27.14 -26.56 14.77
C VAL B 61 26.15 -27.57 14.13
N GLU B 62 25.35 -28.19 14.99
CA GLU B 62 24.29 -29.11 14.57
C GLU B 62 23.26 -28.50 13.61
N LEU B 63 22.86 -27.26 13.87
CA LEU B 63 21.85 -26.57 13.04
C LEU B 63 22.45 -25.99 11.77
N GLY B 64 23.78 -25.97 11.72
CA GLY B 64 24.54 -25.62 10.52
C GLY B 64 24.93 -24.15 10.42
N TYR B 65 24.77 -23.39 11.52
CA TYR B 65 25.10 -21.95 11.49
C TYR B 65 26.54 -21.67 11.86
N VAL B 66 27.16 -22.63 12.54
CA VAL B 66 28.53 -22.49 13.03
C VAL B 66 29.29 -23.72 12.56
N ALA B 67 30.54 -23.54 12.11
CA ALA B 67 31.46 -24.66 11.85
C ALA B 67 32.63 -24.66 12.83
N THR B 68 33.25 -25.84 13.00
CA THR B 68 34.41 -26.05 13.88
C THR B 68 35.42 -27.02 13.29
N ASP B 69 36.67 -26.93 13.76
CA ASP B 69 37.68 -27.92 13.46
C ASP B 69 38.11 -28.63 14.76
N GLY B 70 37.22 -28.69 15.74
CA GLY B 70 37.58 -29.21 17.06
C GLY B 70 38.19 -28.17 18.00
N SER B 71 38.87 -27.17 17.44
CA SER B 71 39.59 -26.15 18.23
C SER B 71 38.92 -24.77 18.18
N ALA B 72 38.75 -24.24 16.98
CA ALA B 72 38.14 -22.93 16.77
C ALA B 72 36.73 -23.04 16.20
N PHE B 73 35.97 -21.95 16.28
CA PHE B 73 34.57 -21.87 15.78
C PHE B 73 34.40 -20.64 14.88
N TRP B 74 33.57 -20.76 13.84
CA TRP B 74 33.30 -19.66 12.91
C TRP B 74 31.92 -19.82 12.34
N LEU B 75 31.38 -18.75 11.78
CA LEU B 75 30.06 -18.74 11.19
C LEU B 75 30.05 -19.24 9.76
N THR B 76 28.94 -19.88 9.38
CA THR B 76 28.79 -20.41 8.04
C THR B 76 27.84 -19.45 7.33
N PRO B 77 27.75 -19.57 5.98
CA PRO B 77 26.84 -18.69 5.22
C PRO B 77 25.37 -18.91 5.63
N ARG B 78 25.07 -19.98 6.38
CA ARG B 78 23.66 -20.27 6.69
C ARG B 78 23.00 -19.19 7.51
N VAL B 79 23.82 -18.45 8.29
CA VAL B 79 23.36 -17.27 9.07
C VAL B 79 22.61 -16.25 8.19
N LEU B 80 23.03 -16.13 6.95
CA LEU B 80 22.35 -15.23 5.98
C LEU B 80 20.90 -15.63 5.67
N GLU B 81 20.53 -16.90 5.91
CA GLU B 81 19.12 -17.37 5.80
C GLU B 81 18.18 -16.75 6.83
N LEU B 82 18.76 -16.13 7.85
CA LEU B 82 17.92 -15.40 8.81
C LEU B 82 17.53 -13.99 8.32
N GLY B 83 16.56 -13.94 7.39
CA GLY B 83 15.94 -12.67 7.00
C GLY B 83 16.77 -11.75 6.09
N TYR B 84 18.05 -12.09 5.84
CA TYR B 84 18.98 -11.11 5.23
C TYR B 84 18.61 -10.64 3.81
N SER B 85 18.28 -11.58 2.93
CA SER B 85 17.93 -11.23 1.56
C SER B 85 16.70 -10.31 1.36
N TYR B 86 15.75 -10.28 2.29
CA TYR B 86 14.66 -9.33 2.15
C TYR B 86 14.84 -8.10 3.05
N LEU B 87 15.39 -8.30 4.26
CA LEU B 87 15.53 -7.16 5.13
C LEU B 87 16.57 -6.12 4.63
N SER B 88 17.60 -6.56 3.88
CA SER B 88 18.66 -5.66 3.45
C SER B 88 18.24 -4.82 2.26
N SER B 89 17.07 -5.11 1.72
CA SER B 89 16.62 -4.41 0.53
C SER B 89 15.31 -3.71 0.76
N LEU B 90 14.86 -3.62 2.02
CA LEU B 90 13.64 -2.86 2.31
C LEU B 90 13.79 -1.39 1.84
N SER B 91 12.73 -0.85 1.25
CA SER B 91 12.69 0.53 0.78
C SER B 91 12.41 1.46 1.97
N LEU B 92 12.68 2.76 1.79
CA LEU B 92 12.18 3.79 2.74
C LEU B 92 10.67 3.65 3.16
N PRO B 93 9.71 3.60 2.20
CA PRO B 93 8.34 3.41 2.70
C PRO B 93 8.15 2.15 3.55
N GLU B 94 8.81 1.04 3.17
CA GLU B 94 8.65 -0.20 3.89
C GLU B 94 9.22 -0.07 5.31
N VAL B 95 10.36 0.60 5.44
CA VAL B 95 10.96 0.86 6.76
C VAL B 95 10.08 1.81 7.60
N ALA B 96 9.50 2.83 6.97
CA ALA B 96 8.79 3.87 7.70
C ALA B 96 7.41 3.43 8.11
N GLN B 97 6.76 2.60 7.30
CA GLN B 97 5.32 2.27 7.50
C GLN B 97 4.87 1.82 8.90
N PRO B 98 5.53 0.80 9.50
CA PRO B 98 5.20 0.37 10.89
C PRO B 98 5.39 1.46 11.95
N HIS B 99 6.38 2.30 11.76
CA HIS B 99 6.56 3.46 12.58
C HIS B 99 5.51 4.52 12.44
N LEU B 100 5.04 4.78 11.23
CA LEU B 100 3.96 5.74 11.00
C LEU B 100 2.68 5.20 11.66
N GLU B 101 2.46 3.89 11.53
CA GLU B 101 1.26 3.31 12.11
C GLU B 101 1.29 3.47 13.60
N LYS B 102 2.46 3.24 14.20
CA LYS B 102 2.58 3.38 15.63
C LYS B 102 2.33 4.82 16.02
N LEU B 103 2.93 5.77 15.31
CA LEU B 103 2.77 7.19 15.60
C LEU B 103 1.32 7.62 15.51
N SER B 104 0.66 7.35 14.38
CA SER B 104 -0.75 7.71 14.21
C SER B 104 -1.68 7.06 15.23
N HIS B 105 -1.41 5.80 15.57
CA HIS B 105 -2.20 5.15 16.63
C HIS B 105 -2.01 5.89 17.94
N LYS B 106 -0.81 6.39 18.19
CA LYS B 106 -0.53 7.04 19.47
C LYS B 106 -1.19 8.42 19.58
N VAL B 107 -0.97 9.27 18.56
CA VAL B 107 -1.46 10.64 18.61
C VAL B 107 -2.81 10.82 17.93
N HIS B 108 -3.30 9.78 17.25
CA HIS B 108 -4.59 9.85 16.59
C HIS B 108 -4.62 10.98 15.59
N GLU B 109 -3.56 11.12 14.79
CA GLU B 109 -3.54 12.07 13.68
C GLU B 109 -2.81 11.45 12.49
N SER B 110 -3.16 11.87 11.27
CA SER B 110 -2.47 11.39 10.07
CA SER B 110 -2.48 11.38 10.07
C SER B 110 -0.99 11.74 10.13
N SER B 111 -0.16 10.82 9.65
CA SER B 111 1.30 10.96 9.59
C SER B 111 1.76 10.55 8.20
N SER B 112 2.88 11.10 7.75
CA SER B 112 3.39 10.86 6.41
C SER B 112 4.89 10.92 6.36
N VAL B 113 5.48 10.45 5.24
CA VAL B 113 6.90 10.61 4.97
C VAL B 113 6.95 11.04 3.53
N SER B 114 7.80 12.00 3.23
CA SER B 114 8.03 12.39 1.86
C SER B 114 9.53 12.56 1.62
N ILE B 115 9.88 12.65 0.33
CA ILE B 115 11.23 12.92 -0.11
C ILE B 115 11.15 14.14 -1.03
N LEU B 116 12.29 14.77 -1.30
CA LEU B 116 12.30 15.96 -2.13
C LEU B 116 12.61 15.57 -3.53
N ASP B 117 11.93 16.21 -4.49
CA ASP B 117 12.20 15.97 -5.92
C ASP B 117 12.13 17.26 -6.72
N GLY B 118 13.31 17.86 -6.91
CA GLY B 118 13.43 19.20 -7.43
C GLY B 118 12.74 20.25 -6.56
N ALA B 119 11.73 20.87 -7.12
CA ALA B 119 11.07 21.93 -6.39
C ALA B 119 9.89 21.40 -5.56
N ASP B 120 9.60 20.10 -5.69
CA ASP B 120 8.46 19.52 -4.99
C ASP B 120 8.88 18.51 -3.93
N ILE B 121 7.97 18.26 -2.97
CA ILE B 121 8.05 17.07 -2.13
C ILE B 121 7.18 16.00 -2.76
N VAL B 122 7.52 14.72 -2.52
CA VAL B 122 6.71 13.61 -3.01
C VAL B 122 6.33 12.74 -1.82
N TYR B 123 5.06 12.45 -1.69
CA TYR B 123 4.54 11.61 -0.58
C TYR B 123 4.83 10.14 -0.87
N VAL B 124 5.56 9.47 0.03
CA VAL B 124 5.97 8.07 -0.18
C VAL B 124 5.35 7.08 0.83
N ALA B 125 4.84 7.56 1.96
CA ALA B 125 4.16 6.67 2.91
C ALA B 125 3.18 7.53 3.64
N ARG B 126 2.07 6.96 4.09
CA ARG B 126 1.12 7.72 4.90
C ARG B 126 0.26 6.78 5.72
N VAL B 127 -0.28 7.31 6.81
CA VAL B 127 -1.29 6.63 7.56
C VAL B 127 -2.35 7.72 7.83
N PRO B 128 -3.51 7.60 7.20
CA PRO B 128 -4.62 8.53 7.51
C PRO B 128 -5.39 8.14 8.75
N VAL B 129 -5.98 9.11 9.44
CA VAL B 129 -6.94 8.76 10.46
C VAL B 129 -8.27 9.34 9.98
N SER B 130 -9.32 8.54 10.08
CA SER B 130 -10.63 8.92 9.56
C SER B 130 -11.47 9.59 10.63
N ARG B 131 -11.65 10.90 10.51
CA ARG B 131 -12.86 11.56 11.01
C ARG B 131 -13.65 12.21 9.89
N ILE B 132 -14.69 12.94 10.25
CA ILE B 132 -15.52 13.65 9.28
C ILE B 132 -14.67 14.59 8.43
N MSE B 133 -13.81 15.36 9.09
CA MSE B 133 -12.93 16.26 8.40
C MSE B 133 -11.48 15.75 8.52
O MSE B 133 -10.87 15.80 9.58
CB MSE B 133 -13.15 17.71 8.87
CG MSE B 133 -12.46 18.67 7.98
SE MSE B 133 -12.75 20.50 8.57
CE MSE B 133 -11.43 20.66 9.95
N THR B 134 -10.97 15.24 7.40
CA THR B 134 -9.84 14.28 7.35
C THR B 134 -8.74 14.91 6.53
N VAL B 135 -7.50 14.86 7.02
CA VAL B 135 -6.35 15.26 6.22
C VAL B 135 -5.90 13.97 5.51
N GLY B 136 -5.90 13.99 4.19
CA GLY B 136 -5.31 12.90 3.46
C GLY B 136 -4.68 13.36 2.17
N ILE B 137 -3.41 12.99 1.99
CA ILE B 137 -2.72 13.24 0.71
C ILE B 137 -2.26 11.90 0.24
N THR B 138 -2.63 11.51 -0.98
CA THR B 138 -2.32 10.19 -1.52
C THR B 138 -0.83 10.06 -1.83
N ILE B 139 -0.29 8.85 -1.65
CA ILE B 139 1.06 8.50 -2.05
C ILE B 139 1.33 8.95 -3.50
N GLY B 140 2.52 9.44 -3.79
CA GLY B 140 2.78 9.91 -5.13
C GLY B 140 2.39 11.35 -5.40
N THR B 141 1.65 11.97 -4.47
CA THR B 141 1.30 13.38 -4.60
C THR B 141 2.51 14.27 -4.49
N ARG B 142 2.61 15.25 -5.39
CA ARG B 142 3.68 16.25 -5.27
C ARG B 142 3.10 17.56 -4.79
N LEU B 143 3.77 18.21 -3.84
CA LEU B 143 3.37 19.54 -3.36
C LEU B 143 4.61 20.42 -3.37
N PRO B 144 4.44 21.71 -3.67
CA PRO B 144 5.60 22.58 -3.80
C PRO B 144 6.38 22.60 -2.46
N ALA B 145 7.68 22.37 -2.48
CA ALA B 145 8.43 22.27 -1.21
C ALA B 145 8.31 23.50 -0.28
N TYR B 146 8.30 24.70 -0.87
CA TYR B 146 8.34 25.94 -0.07
C TYR B 146 7.10 26.10 0.83
N ALA B 147 6.00 25.46 0.45
CA ALA B 147 4.72 25.69 1.15
C ALA B 147 4.28 24.55 2.07
N THR B 148 5.18 23.62 2.39
CA THR B 148 4.84 22.46 3.23
C THR B 148 5.81 22.35 4.40
N SER B 149 5.42 21.74 5.52
CA SER B 149 6.36 21.63 6.63
C SER B 149 7.49 20.70 6.25
N MSE B 150 7.17 19.61 5.58
CA MSE B 150 8.18 18.63 5.17
C MSE B 150 9.10 19.23 4.14
O MSE B 150 10.31 18.99 4.16
CB MSE B 150 7.52 17.33 4.67
CG MSE B 150 6.92 16.50 5.81
SE MSE B 150 6.34 14.67 5.23
CE MSE B 150 4.88 15.10 4.16
N GLY B 151 8.54 20.03 3.23
CA GLY B 151 9.36 20.73 2.26
C GLY B 151 10.40 21.66 2.88
N ARG B 152 10.02 22.41 3.90
CA ARG B 152 10.97 23.34 4.55
C ARG B 152 12.07 22.62 5.34
N VAL B 153 11.75 21.45 5.87
CA VAL B 153 12.70 20.56 6.52
C VAL B 153 13.65 20.01 5.43
N LEU B 154 13.07 19.55 4.32
CA LEU B 154 13.91 18.99 3.28
C LEU B 154 14.80 20.05 2.67
N LEU B 155 14.25 21.25 2.49
CA LEU B 155 15.01 22.37 1.95
C LEU B 155 16.12 22.86 2.91
N ALA B 156 15.85 22.77 4.22
CA ALA B 156 16.82 23.14 5.24
C ALA B 156 18.04 22.18 5.21
N GLY B 157 17.85 20.98 4.68
CA GLY B 157 18.92 19.98 4.65
C GLY B 157 19.83 20.05 3.44
N LEU B 158 19.47 20.89 2.47
CA LEU B 158 20.27 21.10 1.26
C LEU B 158 21.54 21.89 1.55
N PRO B 159 22.63 21.63 0.79
CA PRO B 159 23.83 22.49 0.89
C PRO B 159 23.46 23.94 0.60
N ASP B 160 24.19 24.88 1.16
CA ASP B 160 23.81 26.28 0.96
C ASP B 160 23.68 26.74 -0.48
N ASP B 161 24.52 26.20 -1.36
CA ASP B 161 24.55 26.62 -2.77
C ASP B 161 23.32 26.14 -3.55
N GLU B 162 22.86 24.95 -3.22
CA GLU B 162 21.64 24.38 -3.80
C GLU B 162 20.38 25.09 -3.34
N LEU B 163 20.30 25.34 -2.04
CA LEU B 163 19.24 26.14 -1.45
C LEU B 163 19.14 27.47 -2.18
N ASP B 164 20.28 28.13 -2.34
CA ASP B 164 20.34 29.46 -2.96
C ASP B 164 19.86 29.43 -4.41
N ALA B 165 20.23 28.35 -5.12
CA ALA B 165 19.79 28.10 -6.50
C ALA B 165 18.29 27.82 -6.59
N TYR B 166 17.78 27.01 -5.67
CA TYR B 166 16.35 26.74 -5.59
C TYR B 166 15.54 28.03 -5.39
N LEU B 167 15.97 28.81 -4.41
CA LEU B 167 15.41 30.11 -4.11
C LEU B 167 15.48 31.12 -5.27
N GLU B 168 16.62 31.20 -5.96
CA GLU B 168 16.73 32.13 -7.11
C GLU B 168 15.70 31.81 -8.22
N LYS B 169 15.50 30.52 -8.47
CA LYS B 169 14.59 29.99 -9.50
C LYS B 169 13.09 30.07 -9.10
N LEU B 170 12.80 30.22 -7.81
CA LEU B 170 11.44 30.02 -7.28
C LEU B 170 10.41 31.15 -7.49
N ASP B 171 9.25 30.76 -8.02
CA ASP B 171 8.03 31.59 -8.08
C ASP B 171 7.07 31.27 -6.88
N ILE B 172 7.08 32.17 -5.89
CA ILE B 172 6.29 32.02 -4.68
C ILE B 172 4.85 32.44 -4.95
N GLN B 173 3.90 31.60 -4.58
CA GLN B 173 2.49 31.95 -4.81
C GLN B 173 1.68 31.97 -3.53
N ARG B 174 0.87 33.02 -3.32
CA ARG B 174 -0.12 33.01 -2.24
C ARG B 174 -1.03 31.81 -2.50
N LEU B 175 -0.88 30.74 -1.71
CA LEU B 175 -1.84 29.64 -1.74
C LEU B 175 -2.96 29.93 -0.77
N THR B 176 -2.60 30.57 0.32
CA THR B 176 -3.56 31.06 1.29
C THR B 176 -3.15 32.48 1.65
N GLU B 177 -4.00 33.17 2.42
CA GLU B 177 -3.68 34.48 2.96
C GLU B 177 -2.38 34.41 3.76
N ARG B 178 -2.13 33.26 4.39
CA ARG B 178 -1.05 33.15 5.34
C ARG B 178 0.32 32.79 4.73
N THR B 179 0.31 32.37 3.46
CA THR B 179 1.52 31.90 2.78
C THR B 179 2.59 32.99 2.79
N ILE B 180 3.80 32.59 3.16
CA ILE B 180 4.96 33.46 3.04
C ILE B 180 5.11 33.85 1.54
N THR B 181 5.21 35.17 1.31
CA THR B 181 5.30 35.75 -0.05
C THR B 181 6.71 36.32 -0.41
N ALA B 182 7.41 36.91 0.57
CA ALA B 182 8.78 37.41 0.34
C ALA B 182 9.83 36.30 0.32
N ARG B 183 10.85 36.44 -0.53
CA ARG B 183 11.89 35.41 -0.65
C ARG B 183 12.86 35.42 0.55
N ASP B 184 12.99 36.59 1.20
CA ASP B 184 13.85 36.74 2.38
C ASP B 184 13.22 36.19 3.67
N GLU B 185 11.90 36.30 3.74
CA GLU B 185 11.10 35.70 4.78
C GLU B 185 11.16 34.18 4.67
N LEU B 186 11.08 33.66 3.44
CA LEU B 186 11.15 32.24 3.18
C LEU B 186 12.50 31.64 3.51
N LYS B 187 13.58 32.32 3.11
CA LYS B 187 14.93 31.90 3.47
C LYS B 187 15.10 31.78 4.99
N ALA B 188 14.64 32.81 5.70
CA ALA B 188 14.63 32.88 7.16
C ALA B 188 13.85 31.73 7.79
N ALA B 189 12.59 31.55 7.36
CA ALA B 189 11.76 30.41 7.79
C ALA B 189 12.46 29.08 7.60
N ILE B 190 13.18 28.90 6.49
CA ILE B 190 13.91 27.65 6.22
C ILE B 190 15.10 27.50 7.17
N LEU B 191 15.79 28.61 7.44
CA LEU B 191 16.97 28.52 8.29
C LEU B 191 16.58 28.36 9.76
N ALA B 192 15.47 28.97 10.18
CA ALA B 192 14.89 28.70 11.53
C ALA B 192 14.62 27.20 11.71
N VAL B 193 14.33 26.51 10.59
CA VAL B 193 14.15 25.05 10.62
C VAL B 193 15.45 24.29 10.92
N ARG B 194 16.54 24.68 10.23
CA ARG B 194 17.90 24.15 10.53
C ARG B 194 18.22 24.21 12.02
N ALA B 195 18.09 25.41 12.57
CA ALA B 195 18.27 25.74 14.00
C ALA B 195 17.46 24.86 14.95
N ASP B 196 16.14 24.78 14.69
CA ASP B 196 15.18 24.08 15.54
C ASP B 196 15.09 22.56 15.40
N GLY B 197 15.30 22.05 14.19
CA GLY B 197 15.12 20.64 13.93
C GLY B 197 13.68 20.26 13.59
N ILE B 198 12.74 21.21 13.62
CA ILE B 198 11.37 20.92 13.22
C ILE B 198 10.78 22.10 12.47
N CYS B 199 9.72 21.84 11.70
CA CYS B 199 8.98 22.92 11.06
C CYS B 199 7.52 22.77 11.42
N VAL B 200 6.91 23.85 11.92
CA VAL B 200 5.47 23.89 12.08
C VAL B 200 4.98 24.81 10.97
N LEU B 201 4.07 24.31 10.13
CA LEU B 201 3.52 25.07 9.03
C LEU B 201 2.06 25.35 9.36
N ASP B 202 1.76 26.61 9.61
CA ASP B 202 0.46 27.02 10.12
C ASP B 202 -0.38 27.67 9.00
N GLN B 203 -1.16 26.84 8.31
CA GLN B 203 -2.21 27.32 7.42
C GLN B 203 -1.70 28.10 6.22
N GLU B 204 -0.46 27.81 5.83
CA GLU B 204 0.15 28.32 4.61
C GLU B 204 -0.14 27.51 3.32
N LEU B 205 -0.64 26.26 3.47
CA LEU B 205 -0.93 25.40 2.32
C LEU B 205 -2.44 25.38 2.04
N GLU B 206 -3.23 25.10 3.08
CA GLU B 206 -4.67 25.10 3.00
C GLU B 206 -5.22 25.76 4.27
N ALA B 207 -6.22 26.63 4.14
CA ALA B 207 -6.80 27.32 5.31
C ALA B 207 -7.35 26.27 6.27
N GLY B 208 -7.05 26.37 7.54
CA GLY B 208 -7.61 25.42 8.50
C GLY B 208 -6.78 24.18 8.76
N LEU B 209 -5.66 24.07 8.05
CA LEU B 209 -4.79 22.92 8.14
C LEU B 209 -3.45 23.32 8.73
N ARG B 210 -2.95 22.51 9.67
CA ARG B 210 -1.61 22.63 10.20
C ARG B 210 -0.78 21.32 10.06
N SER B 211 0.54 21.44 9.95
CA SER B 211 1.40 20.28 9.96
C SER B 211 2.72 20.60 10.63
N MSE B 212 3.36 19.56 11.13
CA MSE B 212 4.66 19.70 11.79
C MSE B 212 5.51 18.56 11.27
O MSE B 212 5.01 17.44 11.12
CB MSE B 212 4.50 19.60 13.30
CG MSE B 212 3.82 18.31 13.75
SE MSE B 212 2.31 18.71 14.99
CE MSE B 212 0.88 19.21 13.60
N ALA B 213 6.76 18.87 10.94
CA ALA B 213 7.63 17.88 10.31
C ALA B 213 9.01 17.86 10.97
N ALA B 214 9.71 16.73 10.83
CA ALA B 214 11.04 16.58 11.35
C ALA B 214 11.88 15.83 10.30
N PRO B 215 13.19 16.10 10.23
CA PRO B 215 14.05 15.39 9.27
C PRO B 215 14.32 13.91 9.59
N ILE B 216 14.49 13.12 8.54
CA ILE B 216 14.98 11.78 8.67
C ILE B 216 16.39 11.81 7.99
N ARG B 217 17.46 11.61 8.76
CA ARG B 217 18.79 11.65 8.16
C ARG B 217 19.34 10.29 7.74
N GLY B 218 20.28 10.30 6.80
CA GLY B 218 21.07 9.09 6.46
C GLY B 218 22.12 8.80 7.53
N ALA B 219 22.88 7.71 7.37
CA ALA B 219 23.99 7.41 8.31
C ALA B 219 25.07 8.51 8.22
N SER B 220 25.20 9.04 6.99
CA SER B 220 25.87 10.32 6.64
C SER B 220 25.57 11.55 7.55
N GLY B 221 24.41 11.58 8.20
CA GLY B 221 23.90 12.79 8.89
C GLY B 221 23.20 13.74 7.93
N LEU B 222 23.02 13.31 6.68
CA LEU B 222 22.38 14.14 5.66
C LEU B 222 20.84 13.88 5.62
N THR B 223 20.04 14.95 5.50
CA THR B 223 18.57 14.80 5.45
C THR B 223 18.14 14.09 4.17
N VAL B 224 17.54 12.91 4.26
CA VAL B 224 17.14 12.18 3.04
C VAL B 224 15.61 12.12 2.89
N ALA B 225 14.91 12.41 3.99
CA ALA B 225 13.42 12.32 3.99
C ALA B 225 12.91 13.16 5.14
N ALA B 226 11.58 13.23 5.29
CA ALA B 226 10.99 13.97 6.41
C ALA B 226 9.73 13.24 6.81
N VAL B 227 9.34 13.36 8.06
CA VAL B 227 8.11 12.74 8.51
C VAL B 227 7.29 13.88 9.07
N ASN B 228 5.95 13.76 9.02
CA ASN B 228 5.09 14.77 9.63
C ASN B 228 3.88 14.22 10.31
N ILE B 229 3.19 15.10 11.02
CA ILE B 229 1.82 14.88 11.49
C ILE B 229 1.06 16.02 10.89
N SER B 230 -0.14 15.77 10.43
CA SER B 230 -0.92 16.84 9.86
C SER B 230 -2.32 16.82 10.51
N THR B 231 -2.89 17.97 10.75
CA THR B 231 -4.10 18.04 11.56
C THR B 231 -4.84 19.34 11.40
N PRO B 232 -6.17 19.33 11.61
CA PRO B 232 -6.81 20.65 11.53
C PRO B 232 -6.25 21.64 12.53
N ALA B 233 -6.07 22.89 12.09
CA ALA B 233 -5.65 24.00 12.97
C ALA B 233 -6.44 24.12 14.24
N ALA B 234 -7.77 23.99 14.12
CA ALA B 234 -8.68 24.18 15.25
C ALA B 234 -8.64 23.09 16.34
N ARG B 235 -8.07 21.96 16.01
CA ARG B 235 -8.00 20.81 16.90
C ARG B 235 -6.93 20.90 18.10
N TYR B 236 -5.88 21.68 17.94
CA TYR B 236 -4.86 21.90 18.98
C TYR B 236 -4.40 23.34 18.91
N SER B 237 -4.16 23.98 20.04
CA SER B 237 -3.40 25.21 20.04
C SER B 237 -1.92 24.92 19.60
N LEU B 238 -1.23 25.89 19.02
CA LEU B 238 0.21 25.80 18.70
C LEU B 238 0.97 25.31 19.96
N GLU B 239 0.58 25.78 21.12
CA GLU B 239 1.27 25.42 22.35
C GLU B 239 1.09 23.94 22.67
N ASP B 240 -0.11 23.39 22.46
CA ASP B 240 -0.31 21.94 22.70
C ASP B 240 0.34 21.03 21.63
N LEU B 241 0.58 21.57 20.45
CA LEU B 241 1.37 20.89 19.44
C LEU B 241 2.80 20.73 19.95
N HIS B 242 3.39 21.86 20.38
CA HIS B 242 4.81 21.85 20.80
C HIS B 242 5.05 20.97 21.99
N SER B 243 4.09 20.88 22.89
CA SER B 243 4.28 19.99 24.04
C SER B 243 3.85 18.52 23.92
N ASP B 244 2.84 18.22 23.11
CA ASP B 244 2.15 16.90 23.12
C ASP B 244 2.29 16.13 21.79
N LEU B 245 2.42 16.82 20.66
CA LEU B 245 2.52 16.07 19.40
C LEU B 245 3.94 16.01 18.87
N ILE B 246 4.63 17.15 18.88
CA ILE B 246 5.97 17.25 18.37
C ILE B 246 7.03 16.34 19.04
N PRO B 247 7.03 16.24 20.38
CA PRO B 247 7.98 15.28 20.99
C PRO B 247 7.79 13.84 20.46
N SER B 248 6.56 13.37 20.24
CA SER B 248 6.36 12.05 19.60
C SER B 248 6.84 11.93 18.15
N LEU B 249 6.60 12.98 17.34
CA LEU B 249 7.12 13.04 15.99
C LEU B 249 8.67 12.94 15.98
N ARG B 250 9.33 13.64 16.90
CA ARG B 250 10.81 13.56 16.99
C ARG B 250 11.24 12.12 17.25
N VAL B 251 10.58 11.45 18.20
CA VAL B 251 10.89 10.05 18.48
C VAL B 251 10.71 9.16 17.25
N THR B 252 9.58 9.31 16.55
CA THR B 252 9.32 8.52 15.35
C THR B 252 10.39 8.70 14.25
N ALA B 253 10.82 9.94 14.03
CA ALA B 253 11.88 10.28 13.08
C ALA B 253 13.17 9.55 13.45
N THR B 254 13.54 9.59 14.72
CA THR B 254 14.78 8.87 15.12
C THR B 254 14.63 7.33 14.99
N ASP B 255 13.45 6.77 15.29
CA ASP B 255 13.21 5.33 15.06
C ASP B 255 13.34 4.93 13.58
N ILE B 256 12.81 5.77 12.69
CA ILE B 256 12.92 5.50 11.27
C ILE B 256 14.36 5.57 10.81
N GLU B 257 15.06 6.65 11.22
CA GLU B 257 16.48 6.83 10.95
C GLU B 257 17.32 5.62 11.34
N GLN B 258 17.09 5.10 12.54
CA GLN B 258 17.89 3.98 13.01
C GLN B 258 17.61 2.72 12.18
N ASP B 259 16.38 2.42 11.88
CA ASP B 259 16.07 1.30 11.00
C ASP B 259 16.69 1.41 9.60
N LEU B 260 16.60 2.59 9.05
CA LEU B 260 17.00 2.84 7.70
C LEU B 260 18.48 2.68 7.56
N ALA B 261 19.19 3.13 8.56
CA ALA B 261 20.62 3.02 8.63
C ALA B 261 21.08 1.56 8.70
N THR B 262 20.38 0.73 9.47
CA THR B 262 20.67 -0.70 9.50
C THR B 262 20.37 -1.36 8.17
N VAL B 263 19.26 -0.98 7.57
CA VAL B 263 18.95 -1.44 6.24
C VAL B 263 19.95 -1.05 5.16
N ASN B 264 20.53 0.12 5.23
CA ASN B 264 21.23 0.69 4.10
C ASN B 264 22.69 0.56 4.33
N ARG B 265 23.02 -0.07 5.43
CA ARG B 265 24.37 -0.48 5.71
C ARG B 265 24.85 -1.45 4.61
N VAL C 17 20.44 -27.81 23.44
CA VAL C 17 19.62 -26.56 23.68
C VAL C 17 18.43 -26.36 22.71
N GLN C 18 17.33 -27.05 23.02
CA GLN C 18 16.14 -27.00 22.18
C GLN C 18 15.54 -25.60 22.02
N SER C 19 15.58 -24.78 23.08
CA SER C 19 15.10 -23.38 23.01
C SER C 19 15.66 -22.61 21.81
N LEU C 20 16.97 -22.74 21.58
CA LEU C 20 17.67 -22.00 20.53
C LEU C 20 17.23 -22.46 19.15
N ALA C 21 17.26 -23.77 18.92
CA ALA C 21 16.82 -24.35 17.66
C ALA C 21 15.45 -23.77 17.25
N ARG C 22 14.51 -23.87 18.19
CA ARG C 22 13.14 -23.43 18.03
C ARG C 22 13.00 -21.93 17.85
N GLY C 23 13.77 -21.14 18.59
CA GLY C 23 13.78 -19.69 18.41
C GLY C 23 14.30 -19.31 17.03
N LEU C 24 15.36 -19.99 16.60
CA LEU C 24 15.90 -19.76 15.27
C LEU C 24 14.91 -20.20 14.19
N ALA C 25 14.17 -21.28 14.48
CA ALA C 25 13.12 -21.74 13.56
C ALA C 25 12.00 -20.71 13.36
N VAL C 26 11.64 -19.99 14.42
CA VAL C 26 10.67 -18.89 14.33
C VAL C 26 11.20 -17.81 13.40
N ILE C 27 12.42 -17.32 13.66
CA ILE C 27 13.02 -16.32 12.79
C ILE C 27 13.03 -16.76 11.31
N ARG C 28 13.48 -17.99 11.08
CA ARG C 28 13.59 -18.55 9.73
C ARG C 28 12.29 -18.60 8.93
N CYS C 29 11.14 -18.58 9.59
CA CYS C 29 9.85 -18.73 8.88
C CYS C 29 9.25 -17.40 8.35
N PHE C 30 10.03 -16.33 8.47
CA PHE C 30 9.71 -15.06 7.83
C PHE C 30 10.55 -14.96 6.52
N ASP C 31 9.90 -14.49 5.44
CA ASP C 31 10.61 -14.27 4.17
C ASP C 31 10.03 -13.10 3.35
N HIS C 32 10.63 -12.82 2.19
CA HIS C 32 10.10 -11.77 1.34
C HIS C 32 8.59 -11.95 1.15
N ARG C 33 8.14 -13.20 1.07
CA ARG C 33 6.71 -13.50 0.84
C ARG C 33 5.87 -13.40 2.11
N ASN C 34 6.48 -13.76 3.25
CA ASN C 34 5.79 -13.78 4.57
C ASN C 34 6.48 -12.91 5.62
N GLN C 35 6.33 -11.60 5.47
CA GLN C 35 7.03 -10.63 6.31
C GLN C 35 6.22 -10.35 7.57
N ARG C 36 4.91 -10.41 7.41
CA ARG C 36 3.98 -10.30 8.52
C ARG C 36 3.28 -11.64 8.73
N ARG C 37 3.40 -12.17 9.96
CA ARG C 37 2.76 -13.41 10.42
C ARG C 37 2.03 -13.18 11.75
N THR C 38 0.91 -13.84 11.95
CA THR C 38 0.23 -13.82 13.26
C THR C 38 0.81 -14.89 14.20
N LEU C 39 0.43 -14.82 15.48
CA LEU C 39 0.69 -15.88 16.46
C LEU C 39 0.32 -17.27 15.93
N SER C 40 -0.90 -17.42 15.40
CA SER C 40 -1.39 -18.65 14.77
C SER C 40 -0.52 -19.15 13.61
N ASP C 41 -0.27 -18.26 12.64
CA ASP C 41 0.60 -18.52 11.48
C ASP C 41 1.98 -19.06 11.85
N VAL C 42 2.61 -18.50 12.89
CA VAL C 42 3.97 -18.89 13.32
C VAL C 42 4.04 -20.30 13.94
N ALA C 43 3.09 -20.61 14.82
CA ALA C 43 2.98 -21.92 15.45
C ALA C 43 2.76 -23.04 14.43
N ARG C 44 1.92 -22.79 13.43
CA ARG C 44 1.71 -23.73 12.32
C ARG C 44 3.00 -23.91 11.51
N ALA C 45 3.76 -22.83 11.33
CA ALA C 45 4.97 -22.81 10.48
C ALA C 45 6.20 -23.57 11.01
N THR C 46 6.25 -23.82 12.33
CA THR C 46 7.36 -24.58 12.95
C THR C 46 6.92 -25.76 13.83
N ASP C 47 5.67 -26.20 13.65
CA ASP C 47 5.06 -27.28 14.45
C ASP C 47 5.08 -27.05 15.98
N LEU C 48 5.22 -25.78 16.39
CA LEU C 48 5.29 -25.39 17.81
C LEU C 48 3.89 -25.21 18.44
N THR C 49 3.80 -25.37 19.76
CA THR C 49 2.52 -25.21 20.47
C THR C 49 2.08 -23.73 20.53
N ARG C 50 1.10 -23.43 21.41
CA ARG C 50 0.46 -22.10 21.44
C ARG C 50 1.20 -21.13 22.36
N ALA C 51 1.28 -21.47 23.66
CA ALA C 51 2.13 -20.72 24.63
C ALA C 51 3.60 -20.75 24.19
N THR C 52 3.95 -21.72 23.32
CA THR C 52 5.31 -22.00 22.88
C THR C 52 5.76 -20.98 21.84
N ALA C 53 4.95 -20.85 20.78
CA ALA C 53 5.12 -19.78 19.80
C ALA C 53 5.02 -18.44 20.52
N ARG C 54 3.99 -18.30 21.38
CA ARG C 54 3.80 -17.12 22.24
C ARG C 54 5.09 -16.63 22.90
N ARG C 55 5.77 -17.51 23.64
CA ARG C 55 6.95 -17.16 24.44
C ARG C 55 8.14 -16.71 23.59
N PHE C 56 8.44 -17.48 22.55
CA PHE C 56 9.55 -17.18 21.66
C PHE C 56 9.35 -15.84 20.96
N LEU C 57 8.13 -15.59 20.49
CA LEU C 57 7.84 -14.38 19.74
C LEU C 57 8.00 -13.09 20.59
N LEU C 58 7.55 -13.16 21.84
CA LEU C 58 7.61 -12.04 22.78
C LEU C 58 9.02 -11.84 23.35
N THR C 59 9.78 -12.93 23.42
CA THR C 59 11.23 -12.86 23.69
C THR C 59 11.92 -12.04 22.59
N LEU C 60 11.63 -12.43 21.34
CA LEU C 60 12.14 -11.74 20.17
C LEU C 60 11.72 -10.29 20.19
N VAL C 61 10.45 -10.02 20.54
CA VAL C 61 9.99 -8.63 20.69
C VAL C 61 10.83 -7.89 21.75
N GLU C 62 11.06 -8.55 22.89
CA GLU C 62 11.90 -8.00 23.95
C GLU C 62 13.32 -7.67 23.46
N LEU C 63 13.95 -8.65 22.80
CA LEU C 63 15.30 -8.48 22.21
C LEU C 63 15.40 -7.43 21.10
N GLY C 64 14.27 -7.07 20.49
CA GLY C 64 14.23 -6.04 19.45
C GLY C 64 14.38 -6.58 18.04
N TYR C 65 14.19 -7.89 17.88
CA TYR C 65 14.39 -8.58 16.58
C TYR C 65 13.08 -8.73 15.83
N VAL C 66 12.01 -8.74 16.61
CA VAL C 66 10.66 -8.82 16.11
C VAL C 66 9.87 -7.64 16.69
N ALA C 67 9.01 -7.06 15.88
CA ALA C 67 8.10 -6.05 16.38
C ALA C 67 6.66 -6.48 16.10
N THR C 68 5.72 -5.87 16.81
CA THR C 68 4.34 -6.27 16.71
C THR C 68 3.35 -5.09 16.81
N ASP C 69 2.22 -5.21 16.14
CA ASP C 69 1.12 -4.25 16.30
C ASP C 69 0.02 -4.81 17.19
N GLY C 70 0.36 -5.84 17.97
CA GLY C 70 -0.57 -6.56 18.84
C GLY C 70 -1.30 -7.74 18.18
N SER C 71 -1.22 -7.83 16.86
CA SER C 71 -1.81 -8.91 16.07
C SER C 71 -0.81 -9.52 15.07
N ALA C 72 -0.09 -8.69 14.32
CA ALA C 72 0.94 -9.21 13.40
C ALA C 72 2.29 -9.11 14.04
N PHE C 73 3.21 -9.95 13.55
CA PHE C 73 4.64 -9.96 13.90
C PHE C 73 5.47 -9.87 12.63
N TRP C 74 6.54 -9.09 12.68
CA TRP C 74 7.49 -8.99 11.59
C TRP C 74 8.90 -8.93 12.19
N LEU C 75 9.90 -9.24 11.36
CA LEU C 75 11.28 -9.11 11.77
C LEU C 75 11.67 -7.65 11.59
N THR C 76 12.58 -7.18 12.43
CA THR C 76 12.99 -5.78 12.36
C THR C 76 14.31 -5.76 11.64
N PRO C 77 14.75 -4.56 11.19
CA PRO C 77 16.10 -4.52 10.61
C PRO C 77 17.21 -5.03 11.55
N ARG C 78 16.94 -5.14 12.85
CA ARG C 78 17.96 -5.62 13.75
C ARG C 78 18.39 -7.07 13.49
N VAL C 79 17.46 -7.89 13.01
CA VAL C 79 17.80 -9.24 12.55
C VAL C 79 19.02 -9.26 11.62
N LEU C 80 19.24 -8.17 10.87
CA LEU C 80 20.35 -8.10 9.92
C LEU C 80 21.70 -8.25 10.61
N GLU C 81 21.77 -7.96 11.90
CA GLU C 81 23.05 -8.07 12.64
C GLU C 81 23.58 -9.52 12.68
N LEU C 82 22.66 -10.49 12.64
CA LEU C 82 23.01 -11.90 12.56
C LEU C 82 23.75 -12.18 11.25
N GLY C 83 23.07 -12.04 10.11
CA GLY C 83 23.76 -12.26 8.84
C GLY C 83 24.99 -11.37 8.66
N TYR C 84 24.95 -10.15 9.21
CA TYR C 84 26.09 -9.22 9.09
C TYR C 84 27.34 -9.69 9.86
N SER C 85 27.10 -10.42 10.94
CA SER C 85 28.20 -11.03 11.70
C SER C 85 28.99 -11.92 10.80
N TYR C 86 28.28 -12.74 10.01
CA TYR C 86 28.93 -13.56 8.98
C TYR C 86 29.61 -12.79 7.83
N LEU C 87 28.96 -11.79 7.23
CA LEU C 87 29.60 -11.02 6.13
C LEU C 87 30.87 -10.28 6.60
N SER C 88 30.76 -9.70 7.78
CA SER C 88 31.82 -9.01 8.41
C SER C 88 33.02 -9.94 8.70
N SER C 89 32.73 -11.15 9.17
CA SER C 89 33.80 -12.08 9.49
C SER C 89 34.43 -12.73 8.25
N LEU C 90 33.76 -12.60 7.11
CA LEU C 90 34.21 -13.16 5.86
C LEU C 90 35.29 -12.31 5.16
N SER C 91 35.35 -11.01 5.43
CA SER C 91 36.47 -10.21 4.91
C SER C 91 36.44 -9.80 3.39
N LEU C 92 36.28 -10.77 2.50
CA LEU C 92 36.10 -10.52 1.06
C LEU C 92 35.03 -9.47 0.65
N PRO C 93 33.82 -9.51 1.29
CA PRO C 93 32.82 -8.49 0.93
C PRO C 93 33.39 -7.04 1.03
N GLU C 94 34.03 -6.71 2.14
CA GLU C 94 34.58 -5.40 2.33
C GLU C 94 35.79 -5.14 1.40
N VAL C 95 36.59 -6.17 1.12
CA VAL C 95 37.69 -6.06 0.14
C VAL C 95 37.16 -5.73 -1.26
N ALA C 96 36.13 -6.49 -1.71
CA ALA C 96 35.54 -6.41 -3.04
C ALA C 96 34.75 -5.15 -3.34
N GLN C 97 34.04 -4.64 -2.34
CA GLN C 97 33.09 -3.55 -2.52
C GLN C 97 33.59 -2.33 -3.33
N PRO C 98 34.71 -1.71 -2.96
CA PRO C 98 35.15 -0.54 -3.75
C PRO C 98 35.49 -0.89 -5.20
N HIS C 99 35.85 -2.15 -5.44
CA HIS C 99 36.17 -2.61 -6.80
C HIS C 99 34.89 -2.81 -7.59
N LEU C 100 33.86 -3.40 -6.94
CA LEU C 100 32.48 -3.42 -7.51
C LEU C 100 31.91 -2.03 -7.80
N GLU C 101 32.09 -1.09 -6.88
CA GLU C 101 31.62 0.27 -7.10
C GLU C 101 32.20 0.85 -8.38
N LYS C 102 33.51 0.67 -8.60
CA LYS C 102 34.20 1.21 -9.76
C LYS C 102 33.78 0.53 -11.05
N LEU C 103 33.62 -0.79 -10.96
CA LEU C 103 33.19 -1.56 -12.11
C LEU C 103 31.81 -1.07 -12.55
N SER C 104 30.85 -1.15 -11.65
CA SER C 104 29.50 -0.73 -11.97
C SER C 104 29.41 0.73 -12.42
N HIS C 105 30.19 1.61 -11.81
CA HIS C 105 30.21 3.00 -12.26
C HIS C 105 30.76 3.08 -13.68
N LYS C 106 31.82 2.33 -13.96
CA LYS C 106 32.43 2.32 -15.29
C LYS C 106 31.51 1.72 -16.37
N VAL C 107 30.91 0.56 -16.08
CA VAL C 107 30.13 -0.12 -17.13
C VAL C 107 28.61 0.12 -17.04
N HIS C 108 28.14 0.69 -15.92
CA HIS C 108 26.70 0.92 -15.70
C HIS C 108 25.91 -0.36 -15.80
N GLU C 109 26.36 -1.40 -15.11
CA GLU C 109 25.58 -2.66 -15.04
C GLU C 109 25.77 -3.20 -13.63
N SER C 110 24.82 -3.96 -13.12
CA SER C 110 24.96 -4.59 -11.78
C SER C 110 26.19 -5.51 -11.74
N SER C 111 26.92 -5.48 -10.62
CA SER C 111 28.03 -6.38 -10.39
C SER C 111 27.93 -7.00 -9.01
N SER C 112 28.47 -8.21 -8.85
CA SER C 112 28.36 -8.91 -7.57
C SER C 112 29.46 -9.90 -7.33
N VAL C 113 29.55 -10.33 -6.07
CA VAL C 113 30.54 -11.29 -5.68
C VAL C 113 29.81 -12.35 -4.93
N SER C 114 30.22 -13.61 -5.15
CA SER C 114 29.59 -14.72 -4.46
C SER C 114 30.61 -15.77 -4.12
N ILE C 115 30.24 -16.65 -3.20
CA ILE C 115 31.08 -17.77 -2.81
C ILE C 115 30.24 -19.00 -2.96
N LEU C 116 30.90 -20.15 -3.06
CA LEU C 116 30.22 -21.45 -3.20
C LEU C 116 29.91 -22.02 -1.85
N ASP C 117 28.70 -22.55 -1.67
CA ASP C 117 28.35 -23.18 -0.40
C ASP C 117 27.57 -24.50 -0.68
N GLY C 118 28.26 -25.61 -0.85
CA GLY C 118 27.60 -26.86 -1.26
C GLY C 118 27.19 -26.75 -2.71
N ALA C 119 25.90 -26.91 -2.98
CA ALA C 119 25.36 -26.88 -4.33
C ALA C 119 25.00 -25.48 -4.83
N ASP C 120 25.04 -24.50 -3.92
CA ASP C 120 24.55 -23.17 -4.16
C ASP C 120 25.68 -22.15 -4.15
N ILE C 121 25.53 -21.10 -4.95
CA ILE C 121 26.31 -19.88 -4.70
C ILE C 121 25.53 -18.96 -3.69
N VAL C 122 26.25 -18.15 -2.94
CA VAL C 122 25.62 -17.19 -2.02
C VAL C 122 26.17 -15.84 -2.42
N TYR C 123 25.30 -14.89 -2.77
CA TYR C 123 25.70 -13.49 -2.97
C TYR C 123 26.16 -12.87 -1.66
N VAL C 124 27.36 -12.30 -1.68
CA VAL C 124 27.94 -11.66 -0.49
C VAL C 124 28.32 -10.23 -0.73
N ALA C 125 28.29 -9.76 -1.97
CA ALA C 125 28.48 -8.34 -2.18
C ALA C 125 27.90 -7.98 -3.51
N ARG C 126 27.44 -6.76 -3.62
CA ARG C 126 26.85 -6.32 -4.88
C ARG C 126 26.87 -4.82 -5.01
N VAL C 127 26.68 -4.37 -6.24
CA VAL C 127 26.34 -3.00 -6.54
C VAL C 127 25.24 -3.04 -7.59
N PRO C 128 24.01 -2.59 -7.19
CA PRO C 128 22.89 -2.56 -8.14
C PRO C 128 22.94 -1.37 -9.09
N VAL C 129 22.45 -1.57 -10.31
CA VAL C 129 22.22 -0.48 -11.20
C VAL C 129 20.75 -0.53 -11.57
N SER C 130 20.06 0.56 -11.33
CA SER C 130 18.65 0.62 -11.51
C SER C 130 18.26 1.27 -12.79
N ARG C 131 17.36 0.61 -13.46
CA ARG C 131 16.77 1.07 -14.69
C ARG C 131 15.30 0.79 -14.52
N ILE C 132 14.57 0.75 -15.62
CA ILE C 132 13.24 0.19 -15.54
C ILE C 132 13.18 -1.29 -15.41
N MSE C 133 13.79 -1.98 -16.36
CA MSE C 133 14.00 -3.38 -16.21
C MSE C 133 15.39 -3.58 -15.66
O MSE C 133 16.36 -3.39 -16.34
CB MSE C 133 13.85 -4.06 -17.55
CG MSE C 133 13.78 -5.56 -17.45
SE MSE C 133 13.32 -6.25 -19.19
CE MSE C 133 14.95 -6.03 -20.06
N THR C 134 15.44 -4.00 -14.42
CA THR C 134 16.61 -4.00 -13.58
C THR C 134 16.94 -5.42 -13.27
N VAL C 135 18.25 -5.67 -13.18
CA VAL C 135 18.76 -6.93 -12.69
C VAL C 135 19.26 -6.70 -11.26
N GLY C 136 18.63 -7.37 -10.31
CA GLY C 136 19.04 -7.25 -8.94
C GLY C 136 18.84 -8.53 -8.16
N ILE C 137 19.90 -8.93 -7.47
CA ILE C 137 19.88 -10.07 -6.59
C ILE C 137 20.44 -9.54 -5.27
N THR C 138 19.63 -9.64 -4.21
CA THR C 138 20.03 -9.19 -2.87
C THR C 138 21.07 -10.08 -2.16
N ILE C 139 21.80 -9.46 -1.22
CA ILE C 139 22.83 -10.15 -0.45
C ILE C 139 22.15 -11.22 0.36
N GLY C 140 22.78 -12.39 0.46
CA GLY C 140 22.13 -13.52 1.13
C GLY C 140 21.35 -14.42 0.21
N THR C 141 21.14 -14.01 -1.07
CA THR C 141 20.48 -14.89 -2.02
C THR C 141 21.34 -16.11 -2.34
N ARG C 142 20.66 -17.26 -2.41
CA ARG C 142 21.22 -18.54 -2.79
C ARG C 142 20.64 -18.96 -4.14
N LEU C 143 21.54 -19.24 -5.09
CA LEU C 143 21.18 -19.81 -6.40
C LEU C 143 22.00 -21.08 -6.70
N PRO C 144 21.40 -22.05 -7.41
CA PRO C 144 22.07 -23.31 -7.81
C PRO C 144 23.31 -22.95 -8.61
N ALA C 145 24.46 -23.48 -8.22
CA ALA C 145 25.71 -23.18 -8.92
C ALA C 145 25.65 -23.48 -10.43
N TYR C 146 24.92 -24.56 -10.81
CA TYR C 146 24.96 -25.14 -12.18
C TYR C 146 24.36 -24.19 -13.20
N ALA C 147 23.49 -23.33 -12.71
CA ALA C 147 22.69 -22.50 -13.55
C ALA C 147 23.08 -21.04 -13.53
N THR C 148 24.27 -20.70 -12.98
CA THR C 148 24.67 -19.31 -12.83
C THR C 148 26.10 -19.08 -13.42
N SER C 149 26.46 -17.88 -13.87
CA SER C 149 27.84 -17.75 -14.39
C SER C 149 28.82 -17.99 -13.22
N MSE C 150 28.45 -17.50 -12.04
CA MSE C 150 29.42 -17.48 -10.94
C MSE C 150 29.60 -18.88 -10.43
O MSE C 150 30.70 -19.24 -10.04
CB MSE C 150 29.03 -16.49 -9.80
CG MSE C 150 29.33 -15.09 -10.22
SE MSE C 150 29.27 -13.80 -8.71
CE MSE C 150 27.30 -13.86 -8.40
N GLY C 151 28.51 -19.64 -10.43
CA GLY C 151 28.57 -21.03 -9.99
C GLY C 151 29.38 -21.89 -10.97
N ARG C 152 29.22 -21.72 -12.27
CA ARG C 152 30.12 -22.45 -13.20
C ARG C 152 31.60 -22.08 -13.00
N VAL C 153 31.89 -20.78 -12.80
CA VAL C 153 33.28 -20.35 -12.46
C VAL C 153 33.77 -21.07 -11.21
N LEU C 154 32.97 -21.08 -10.16
CA LEU C 154 33.32 -21.81 -8.92
C LEU C 154 33.43 -23.35 -9.07
N LEU C 155 32.51 -23.94 -9.82
CA LEU C 155 32.64 -25.36 -10.21
C LEU C 155 33.90 -25.64 -11.03
N ALA C 156 34.20 -24.79 -12.00
CA ALA C 156 35.40 -24.99 -12.85
C ALA C 156 36.65 -25.01 -11.97
N GLY C 157 36.59 -24.29 -10.85
CA GLY C 157 37.70 -24.16 -9.91
C GLY C 157 37.87 -25.35 -8.99
N LEU C 158 36.90 -26.27 -8.98
CA LEU C 158 37.04 -27.54 -8.22
C LEU C 158 38.08 -28.47 -8.86
N PRO C 159 38.81 -29.25 -8.04
CA PRO C 159 39.55 -30.41 -8.60
C PRO C 159 38.55 -31.40 -9.21
N ASP C 160 39.01 -32.20 -10.19
CA ASP C 160 38.12 -32.96 -11.07
C ASP C 160 37.28 -34.02 -10.37
N ASP C 161 37.85 -34.64 -9.33
CA ASP C 161 37.13 -35.61 -8.49
C ASP C 161 35.86 -34.96 -7.93
N GLU C 162 36.05 -33.86 -7.21
CA GLU C 162 34.97 -33.06 -6.65
C GLU C 162 33.92 -32.68 -7.70
N LEU C 163 34.38 -32.05 -8.79
CA LEU C 163 33.48 -31.71 -9.89
C LEU C 163 32.61 -32.88 -10.34
N ASP C 164 33.22 -34.01 -10.64
CA ASP C 164 32.49 -35.18 -11.13
C ASP C 164 31.45 -35.72 -10.13
N ALA C 165 31.79 -35.67 -8.84
CA ALA C 165 30.90 -36.13 -7.77
C ALA C 165 29.73 -35.16 -7.65
N TYR C 166 30.02 -33.87 -7.79
CA TYR C 166 28.97 -32.88 -7.90
C TYR C 166 27.98 -33.15 -9.07
N LEU C 167 28.49 -33.46 -10.26
CA LEU C 167 27.63 -33.67 -11.43
C LEU C 167 26.80 -34.97 -11.37
N GLU C 168 27.42 -36.05 -10.87
CA GLU C 168 26.75 -37.37 -10.75
C GLU C 168 25.51 -37.30 -9.89
N LYS C 169 25.62 -36.57 -8.78
CA LYS C 169 24.50 -36.30 -7.86
C LYS C 169 23.42 -35.33 -8.36
N LEU C 170 23.75 -34.48 -9.33
CA LEU C 170 22.93 -33.29 -9.56
C LEU C 170 21.64 -33.49 -10.37
N ASP C 171 20.57 -32.88 -9.91
CA ASP C 171 19.30 -32.82 -10.66
C ASP C 171 19.19 -31.51 -11.44
N ILE C 172 19.46 -31.59 -12.75
CA ILE C 172 19.52 -30.41 -13.62
C ILE C 172 18.12 -30.06 -14.05
N GLN C 173 17.53 -29.08 -13.37
CA GLN C 173 16.16 -28.67 -13.64
C GLN C 173 16.12 -27.64 -14.76
N ARG C 174 15.13 -27.78 -15.62
CA ARG C 174 14.99 -26.90 -16.75
C ARG C 174 14.49 -25.59 -16.19
N LEU C 175 15.19 -24.50 -16.41
CA LEU C 175 14.70 -23.22 -15.92
C LEU C 175 14.10 -22.38 -17.04
N THR C 176 14.67 -22.49 -18.24
CA THR C 176 14.17 -21.76 -19.37
C THR C 176 14.35 -22.68 -20.55
N GLU C 177 13.95 -22.28 -21.75
CA GLU C 177 14.22 -23.16 -22.89
C GLU C 177 15.68 -23.21 -23.32
N ARG C 178 16.53 -22.36 -22.75
CA ARG C 178 17.98 -22.48 -23.00
C ARG C 178 18.81 -23.22 -21.93
N THR C 179 18.21 -23.58 -20.80
CA THR C 179 18.96 -24.24 -19.73
C THR C 179 19.52 -25.55 -20.25
N ILE C 180 20.81 -25.79 -20.02
CA ILE C 180 21.45 -27.05 -20.37
C ILE C 180 20.86 -28.11 -19.43
N THR C 181 20.35 -29.20 -19.99
CA THR C 181 19.71 -30.25 -19.18
C THR C 181 20.49 -31.60 -19.18
N ALA C 182 21.51 -31.71 -20.02
CA ALA C 182 22.38 -32.90 -20.05
C ALA C 182 23.65 -32.72 -19.24
N ARG C 183 23.99 -33.72 -18.42
CA ARG C 183 25.20 -33.59 -17.58
C ARG C 183 26.48 -33.59 -18.38
N ASP C 184 26.53 -34.30 -19.50
CA ASP C 184 27.76 -34.19 -20.29
C ASP C 184 27.90 -32.80 -21.00
N GLU C 185 26.77 -32.20 -21.39
CA GLU C 185 26.81 -30.85 -21.94
C GLU C 185 27.14 -29.84 -20.84
N LEU C 186 26.59 -30.04 -19.66
CA LEU C 186 26.92 -29.18 -18.50
C LEU C 186 28.44 -29.24 -18.15
N LYS C 187 29.01 -30.45 -18.13
CA LYS C 187 30.42 -30.64 -17.89
C LYS C 187 31.24 -29.91 -18.96
N ALA C 188 30.90 -30.12 -20.23
CA ALA C 188 31.56 -29.44 -21.34
C ALA C 188 31.51 -27.88 -21.18
N ALA C 189 30.32 -27.36 -20.83
CA ALA C 189 30.18 -25.95 -20.53
C ALA C 189 31.11 -25.51 -19.40
N ILE C 190 31.28 -26.34 -18.38
CA ILE C 190 32.07 -25.94 -17.21
C ILE C 190 33.55 -26.03 -17.56
N LEU C 191 33.97 -27.08 -18.29
CA LEU C 191 35.34 -27.16 -18.78
C LEU C 191 35.71 -25.99 -19.71
N ALA C 192 34.74 -25.47 -20.46
CA ALA C 192 34.98 -24.31 -21.31
C ALA C 192 35.28 -23.09 -20.45
N VAL C 193 34.59 -23.00 -19.31
CA VAL C 193 34.83 -21.90 -18.34
C VAL C 193 36.26 -22.01 -17.82
N ARG C 194 36.66 -23.23 -17.44
CA ARG C 194 38.05 -23.50 -17.02
C ARG C 194 39.06 -23.01 -18.06
N ALA C 195 38.82 -23.37 -19.31
CA ALA C 195 39.77 -23.05 -20.38
C ALA C 195 39.83 -21.54 -20.64
N ASP C 196 38.70 -20.86 -20.55
CA ASP C 196 38.61 -19.48 -21.02
C ASP C 196 38.91 -18.49 -19.89
N GLY C 197 38.68 -18.93 -18.65
CA GLY C 197 38.89 -18.10 -17.50
C GLY C 197 37.75 -17.12 -17.26
N ILE C 198 36.66 -17.31 -17.98
CA ILE C 198 35.45 -16.48 -17.90
C ILE C 198 34.28 -17.39 -18.18
N CYS C 199 33.12 -17.07 -17.59
CA CYS C 199 31.87 -17.76 -17.95
C CYS C 199 30.85 -16.74 -18.47
N VAL C 200 30.23 -17.05 -19.59
CA VAL C 200 29.06 -16.38 -20.06
C VAL C 200 27.82 -17.23 -19.96
N LEU C 201 26.85 -16.75 -19.22
CA LEU C 201 25.60 -17.45 -19.09
C LEU C 201 24.47 -16.77 -19.81
N ASP C 202 23.87 -17.47 -20.74
CA ASP C 202 23.07 -16.84 -21.74
C ASP C 202 21.64 -17.28 -21.57
N GLN C 203 20.92 -16.63 -20.68
CA GLN C 203 19.50 -16.85 -20.55
C GLN C 203 19.16 -18.26 -20.14
N GLU C 204 20.02 -18.86 -19.35
CA GLU C 204 19.77 -20.22 -18.82
C GLU C 204 19.01 -20.17 -17.47
N LEU C 205 19.09 -19.01 -16.78
CA LEU C 205 18.44 -18.82 -15.49
C LEU C 205 17.06 -18.13 -15.68
N GLU C 206 17.01 -17.04 -16.47
CA GLU C 206 15.73 -16.39 -16.89
C GLU C 206 15.82 -15.93 -18.32
N ALA C 207 14.74 -16.05 -19.07
CA ALA C 207 14.65 -15.48 -20.45
C ALA C 207 15.01 -13.99 -20.46
N GLY C 208 15.86 -13.59 -21.39
CA GLY C 208 16.20 -12.20 -21.54
C GLY C 208 17.28 -11.76 -20.58
N LEU C 209 17.80 -12.67 -19.76
CA LEU C 209 18.78 -12.31 -18.75
C LEU C 209 20.14 -12.96 -19.10
N ARG C 210 21.21 -12.16 -19.12
CA ARG C 210 22.59 -12.66 -19.26
C ARG C 210 23.53 -12.30 -18.07
N SER C 211 24.52 -13.14 -17.79
CA SER C 211 25.62 -12.73 -16.91
C SER C 211 26.94 -13.26 -17.39
N MSE C 212 28.02 -12.68 -16.84
CA MSE C 212 29.38 -13.09 -17.13
C MSE C 212 30.18 -13.01 -15.85
O MSE C 212 29.98 -12.08 -15.08
CB MSE C 212 29.99 -12.23 -18.22
CG MSE C 212 30.06 -10.77 -17.83
SE MSE C 212 29.30 -9.64 -19.25
CE MSE C 212 27.28 -10.07 -18.98
N ALA C 213 31.08 -13.97 -15.63
CA ALA C 213 31.75 -14.10 -14.34
C ALA C 213 33.21 -14.50 -14.52
N ALA C 214 34.08 -13.95 -13.68
CA ALA C 214 35.46 -14.41 -13.60
C ALA C 214 35.81 -14.83 -12.18
N PRO C 215 36.81 -15.71 -12.07
CA PRO C 215 37.24 -16.23 -10.77
C PRO C 215 38.09 -15.22 -10.01
N ILE C 216 37.90 -15.14 -8.70
CA ILE C 216 38.89 -14.51 -7.81
C ILE C 216 39.71 -15.56 -7.08
N ARG C 217 41.01 -15.54 -7.31
CA ARG C 217 41.91 -16.50 -6.71
C ARG C 217 42.54 -16.00 -5.43
N GLY C 218 42.73 -16.90 -4.49
CA GLY C 218 43.44 -16.63 -3.25
C GLY C 218 44.95 -16.72 -3.35
N ALA C 219 45.58 -16.53 -2.20
CA ALA C 219 47.03 -16.62 -2.08
C ALA C 219 47.57 -17.96 -2.61
N SER C 220 46.77 -19.02 -2.46
CA SER C 220 47.04 -20.37 -2.99
C SER C 220 47.12 -20.43 -4.51
N GLY C 221 46.53 -19.45 -5.19
CA GLY C 221 46.31 -19.55 -6.65
C GLY C 221 44.98 -20.22 -7.03
N LEU C 222 44.32 -20.84 -6.05
CA LEU C 222 43.00 -21.46 -6.26
C LEU C 222 41.82 -20.46 -6.20
N THR C 223 40.74 -20.82 -6.91
CA THR C 223 39.54 -20.02 -6.96
C THR C 223 38.91 -20.01 -5.59
N VAL C 224 38.71 -18.82 -5.00
CA VAL C 224 38.03 -18.74 -3.71
C VAL C 224 36.63 -18.06 -3.75
N ALA C 225 36.34 -17.38 -4.88
CA ALA C 225 35.10 -16.59 -5.02
C ALA C 225 34.97 -16.27 -6.52
N ALA C 226 33.87 -15.63 -6.89
CA ALA C 226 33.63 -15.22 -8.24
C ALA C 226 33.01 -13.84 -8.23
N VAL C 227 33.36 -13.05 -9.25
CA VAL C 227 32.80 -11.72 -9.46
C VAL C 227 32.09 -11.74 -10.81
N ASN C 228 30.96 -11.03 -10.89
CA ASN C 228 30.19 -11.04 -12.13
C ASN C 228 29.60 -9.67 -12.55
N ILE C 229 29.15 -9.61 -13.80
CA ILE C 229 28.27 -8.52 -14.25
C ILE C 229 27.04 -9.24 -14.74
N SER C 230 25.87 -8.68 -14.51
CA SER C 230 24.67 -9.29 -14.99
C SER C 230 23.79 -8.21 -15.64
N THR C 231 23.23 -8.52 -16.81
CA THR C 231 22.61 -7.48 -17.65
C THR C 231 21.53 -8.06 -18.57
N PRO C 232 20.53 -7.24 -18.98
CA PRO C 232 19.56 -7.78 -19.95
C PRO C 232 20.26 -8.25 -21.24
N ALA C 233 19.77 -9.34 -21.82
CA ALA C 233 20.20 -9.77 -23.13
C ALA C 233 20.02 -8.66 -24.15
N ALA C 234 18.99 -7.85 -23.99
CA ALA C 234 18.67 -6.84 -25.00
C ALA C 234 19.63 -5.65 -24.99
N ARG C 235 20.50 -5.53 -23.98
CA ARG C 235 21.39 -4.42 -23.95
C ARG C 235 22.70 -4.67 -24.69
N TYR C 236 23.09 -5.94 -24.90
CA TYR C 236 24.38 -6.28 -25.51
C TYR C 236 24.28 -7.58 -26.28
N SER C 237 24.75 -7.62 -27.53
CA SER C 237 24.98 -8.90 -28.20
C SER C 237 26.04 -9.73 -27.43
N LEU C 238 26.11 -11.04 -27.67
CA LEU C 238 27.19 -11.85 -27.10
C LEU C 238 28.56 -11.29 -27.47
N GLU C 239 28.72 -10.82 -28.72
CA GLU C 239 30.00 -10.26 -29.12
C GLU C 239 30.36 -8.98 -28.37
N ASP C 240 29.37 -8.14 -28.14
CA ASP C 240 29.62 -6.90 -27.43
C ASP C 240 29.92 -7.06 -25.93
N LEU C 241 29.45 -8.15 -25.33
CA LEU C 241 29.84 -8.52 -23.95
C LEU C 241 31.33 -8.66 -23.85
N HIS C 242 31.93 -9.29 -24.86
CA HIS C 242 33.36 -9.57 -24.87
C HIS C 242 34.16 -8.37 -25.19
N SER C 243 33.63 -7.42 -25.91
CA SER C 243 34.45 -6.29 -26.25
C SER C 243 34.25 -5.16 -25.25
N ASP C 244 33.06 -5.12 -24.67
CA ASP C 244 32.65 -4.00 -23.79
C ASP C 244 32.75 -4.20 -22.26
N LEU C 245 32.57 -5.44 -21.78
CA LEU C 245 32.24 -5.67 -20.40
C LEU C 245 33.23 -6.63 -19.75
N ILE C 246 33.55 -7.69 -20.50
CA ILE C 246 34.36 -8.77 -19.96
C ILE C 246 35.82 -8.28 -19.70
N PRO C 247 36.40 -7.46 -20.61
CA PRO C 247 37.74 -6.99 -20.28
C PRO C 247 37.81 -6.24 -18.95
N SER C 248 36.86 -5.36 -18.66
CA SER C 248 36.83 -4.65 -17.37
C SER C 248 36.59 -5.61 -16.20
N LEU C 249 35.72 -6.58 -16.43
CA LEU C 249 35.45 -7.57 -15.43
C LEU C 249 36.73 -8.27 -15.00
N ARG C 250 37.54 -8.70 -15.95
CA ARG C 250 38.77 -9.38 -15.65
C ARG C 250 39.71 -8.52 -14.84
N VAL C 251 39.84 -7.27 -15.22
CA VAL C 251 40.62 -6.33 -14.47
C VAL C 251 40.19 -6.15 -13.03
N THR C 252 38.89 -6.05 -12.82
CA THR C 252 38.33 -6.00 -11.52
C THR C 252 38.66 -7.21 -10.69
N ALA C 253 38.59 -8.40 -11.26
CA ALA C 253 38.96 -9.58 -10.54
C ALA C 253 40.41 -9.57 -10.10
N THR C 254 41.29 -9.14 -11.00
CA THR C 254 42.71 -8.98 -10.75
C THR C 254 42.90 -8.02 -9.60
N ASP C 255 42.10 -6.98 -9.56
CA ASP C 255 42.31 -5.93 -8.62
C ASP C 255 41.87 -6.41 -7.24
N ILE C 256 40.76 -7.12 -7.18
CA ILE C 256 40.34 -7.78 -5.93
C ILE C 256 41.37 -8.79 -5.45
N GLU C 257 41.85 -9.67 -6.32
CA GLU C 257 42.96 -10.60 -6.00
C GLU C 257 44.16 -9.88 -5.38
N GLN C 258 44.57 -8.76 -5.99
CA GLN C 258 45.75 -8.02 -5.49
C GLN C 258 45.49 -7.51 -4.08
N ASP C 259 44.29 -6.97 -3.83
CA ASP C 259 43.93 -6.49 -2.50
C ASP C 259 43.75 -7.55 -1.43
N LEU C 260 43.22 -8.73 -1.78
CA LEU C 260 43.24 -9.89 -0.88
C LEU C 260 44.63 -10.21 -0.47
N ALA C 261 45.52 -10.32 -1.47
CA ALA C 261 46.93 -10.70 -1.32
C ALA C 261 47.73 -9.70 -0.47
N THR C 262 46.99 -8.85 0.24
CA THR C 262 47.58 -7.83 1.09
C THR C 262 46.81 -7.79 2.39
N VAL C 263 47.18 -8.65 3.34
CA VAL C 263 46.63 -8.64 4.70
C VAL C 263 45.10 -8.73 4.72
N TYR D 16 -37.97 -18.74 12.63
CA TYR D 16 -36.67 -18.01 12.82
C TYR D 16 -35.50 -18.87 12.34
N VAL D 17 -34.70 -18.31 11.44
CA VAL D 17 -33.60 -19.00 10.81
C VAL D 17 -32.27 -18.54 11.42
N GLN D 18 -31.73 -19.33 12.35
CA GLN D 18 -30.52 -18.94 13.07
C GLN D 18 -29.29 -18.83 12.20
N SER D 19 -29.15 -19.66 11.19
CA SER D 19 -27.94 -19.56 10.37
C SER D 19 -27.93 -18.27 9.56
N LEU D 20 -29.12 -17.77 9.19
CA LEU D 20 -29.26 -16.43 8.63
C LEU D 20 -28.74 -15.33 9.59
N ALA D 21 -29.22 -15.35 10.82
CA ALA D 21 -28.79 -14.39 11.84
C ALA D 21 -27.27 -14.36 11.99
N ARG D 22 -26.67 -15.53 12.04
CA ARG D 22 -25.23 -15.66 12.23
C ARG D 22 -24.42 -15.19 11.00
N GLY D 23 -24.86 -15.59 9.80
CA GLY D 23 -24.25 -15.14 8.57
C GLY D 23 -24.25 -13.62 8.47
N LEU D 24 -25.31 -12.98 8.94
CA LEU D 24 -25.35 -11.52 8.87
C LEU D 24 -24.49 -10.89 9.96
N ALA D 25 -24.42 -11.53 11.13
CA ALA D 25 -23.54 -11.08 12.19
C ALA D 25 -22.08 -11.15 11.71
N VAL D 26 -21.74 -12.15 10.92
CA VAL D 26 -20.41 -12.25 10.33
C VAL D 26 -20.06 -11.05 9.41
N ILE D 27 -20.99 -10.64 8.54
CA ILE D 27 -20.78 -9.49 7.66
C ILE D 27 -20.64 -8.23 8.50
N ARG D 28 -21.49 -8.13 9.51
CA ARG D 28 -21.61 -6.97 10.39
C ARG D 28 -20.37 -6.69 11.19
N CYS D 29 -19.62 -7.74 11.52
CA CYS D 29 -18.42 -7.58 12.31
C CYS D 29 -17.22 -6.98 11.55
N PHE D 30 -17.33 -6.80 10.24
CA PHE D 30 -16.27 -6.09 9.48
C PHE D 30 -16.50 -4.57 9.46
N ASP D 31 -15.52 -3.76 9.83
CA ASP D 31 -15.68 -2.31 9.74
C ASP D 31 -14.47 -1.57 9.14
N HIS D 32 -14.45 -0.23 9.15
CA HIS D 32 -13.34 0.54 8.52
C HIS D 32 -11.97 0.19 9.10
N ARG D 33 -11.95 -0.15 10.40
CA ARG D 33 -10.74 -0.51 11.13
C ARG D 33 -10.39 -1.99 10.94
N ASN D 34 -11.45 -2.80 10.88
CA ASN D 34 -11.35 -4.26 10.82
C ASN D 34 -11.79 -4.82 9.47
N GLN D 35 -11.13 -4.38 8.39
CA GLN D 35 -11.52 -4.74 7.01
C GLN D 35 -11.02 -6.12 6.59
N ARG D 36 -10.00 -6.60 7.31
CA ARG D 36 -9.44 -7.92 7.10
C ARG D 36 -9.41 -8.72 8.41
N ARG D 37 -9.88 -9.96 8.34
CA ARG D 37 -9.88 -10.84 9.50
C ARG D 37 -9.68 -12.29 9.08
N THR D 38 -8.81 -13.00 9.82
CA THR D 38 -8.62 -14.46 9.69
C THR D 38 -9.85 -15.19 10.28
N LEU D 39 -9.98 -16.48 9.97
CA LEU D 39 -11.13 -17.26 10.43
C LEU D 39 -11.19 -17.31 11.95
N SER D 40 -10.03 -17.25 12.59
CA SER D 40 -9.96 -17.16 14.04
C SER D 40 -10.37 -15.76 14.52
N ASP D 41 -9.95 -14.74 13.78
CA ASP D 41 -10.41 -13.38 14.02
C ASP D 41 -11.94 -13.30 14.04
N VAL D 42 -12.57 -13.99 13.09
CA VAL D 42 -13.98 -13.77 12.81
C VAL D 42 -14.87 -14.52 13.80
N ALA D 43 -14.36 -15.65 14.30
CA ALA D 43 -15.12 -16.50 15.20
C ALA D 43 -15.18 -15.90 16.60
N ARG D 44 -14.02 -15.53 17.13
CA ARG D 44 -13.94 -14.65 18.29
C ARG D 44 -14.99 -13.54 18.20
N ALA D 45 -14.99 -12.83 17.08
CA ALA D 45 -15.72 -11.57 16.98
C ALA D 45 -17.22 -11.78 17.11
N THR D 46 -17.70 -12.91 16.58
CA THR D 46 -19.14 -13.18 16.54
C THR D 46 -19.60 -14.24 17.55
N ASP D 47 -18.69 -14.70 18.42
CA ASP D 47 -18.97 -15.79 19.36
C ASP D 47 -19.53 -17.02 18.64
N LEU D 48 -18.93 -17.36 17.50
CA LEU D 48 -19.20 -18.62 16.84
C LEU D 48 -18.06 -19.61 17.05
N THR D 49 -18.36 -20.90 16.88
CA THR D 49 -17.33 -21.92 16.76
C THR D 49 -16.48 -21.70 15.52
N ARG D 50 -15.19 -22.00 15.62
CA ARG D 50 -14.31 -22.03 14.46
C ARG D 50 -14.96 -22.76 13.29
N ALA D 51 -15.69 -23.82 13.60
CA ALA D 51 -16.29 -24.67 12.57
C ALA D 51 -17.46 -23.96 11.89
N THR D 52 -18.33 -23.36 12.71
CA THR D 52 -19.46 -22.59 12.20
C THR D 52 -18.99 -21.30 11.56
N ALA D 53 -18.35 -20.45 12.35
CA ALA D 53 -17.58 -19.32 11.81
C ALA D 53 -16.88 -19.60 10.45
N ARG D 54 -16.43 -20.86 10.16
CA ARG D 54 -15.80 -21.26 8.83
C ARG D 54 -16.79 -21.45 7.62
N ARG D 55 -17.98 -22.16 7.92
CA ARG D 55 -18.97 -22.42 6.83
C ARG D 55 -19.66 -21.13 6.31
N PHE D 56 -19.93 -20.20 7.20
CA PHE D 56 -20.33 -18.88 6.81
C PHE D 56 -19.39 -18.16 5.86
N LEU D 57 -18.13 -17.98 6.25
CA LEU D 57 -17.15 -17.40 5.35
C LEU D 57 -17.18 -17.98 3.98
N LEU D 58 -17.43 -19.27 3.87
CA LEU D 58 -17.19 -19.93 2.62
C LEU D 58 -18.40 -19.90 1.74
N THR D 59 -19.56 -19.82 2.37
CA THR D 59 -20.76 -19.54 1.60
C THR D 59 -20.65 -18.12 1.00
N LEU D 60 -20.22 -17.15 1.81
CA LEU D 60 -20.03 -15.74 1.35
C LEU D 60 -18.99 -15.64 0.22
N VAL D 61 -17.96 -16.48 0.29
CA VAL D 61 -16.98 -16.60 -0.78
C VAL D 61 -17.64 -17.11 -2.08
N GLU D 62 -18.46 -18.16 -2.00
CA GLU D 62 -19.12 -18.72 -3.20
C GLU D 62 -20.09 -17.69 -3.82
N LEU D 63 -20.74 -16.94 -2.94
CA LEU D 63 -21.76 -15.93 -3.28
C LEU D 63 -21.21 -14.62 -3.76
N GLY D 64 -19.88 -14.46 -3.68
CA GLY D 64 -19.18 -13.26 -4.13
C GLY D 64 -19.04 -12.09 -3.12
N TYR D 65 -19.61 -12.26 -1.92
CA TYR D 65 -19.64 -11.20 -0.87
C TYR D 65 -18.40 -11.14 0.00
N VAL D 66 -17.60 -12.21 -0.01
CA VAL D 66 -16.34 -12.19 0.69
C VAL D 66 -15.23 -12.71 -0.22
N ALA D 67 -14.01 -12.25 -0.01
CA ALA D 67 -12.85 -12.86 -0.70
C ALA D 67 -11.80 -13.26 0.31
N ALA D 72 -6.29 -14.48 5.20
CA ALA D 72 -7.22 -13.34 5.47
C ALA D 72 -8.54 -13.41 4.68
N PHE D 73 -9.62 -12.77 5.27
CA PHE D 73 -10.94 -12.59 4.63
C PHE D 73 -11.35 -11.13 4.69
N TRP D 74 -12.09 -10.69 3.70
CA TRP D 74 -12.51 -9.29 3.61
C TRP D 74 -13.81 -9.24 2.84
N LEU D 75 -14.60 -8.19 3.07
CA LEU D 75 -15.80 -7.93 2.25
C LEU D 75 -15.40 -7.43 0.87
N THR D 76 -16.14 -7.88 -0.15
CA THR D 76 -16.00 -7.32 -1.48
C THR D 76 -17.03 -6.21 -1.73
N PRO D 77 -16.80 -5.38 -2.77
CA PRO D 77 -17.74 -4.37 -3.14
C PRO D 77 -19.12 -4.92 -3.46
N ARG D 78 -19.25 -6.22 -3.78
CA ARG D 78 -20.59 -6.81 -4.01
C ARG D 78 -21.45 -6.67 -2.73
N VAL D 79 -20.83 -6.58 -1.55
CA VAL D 79 -21.60 -6.33 -0.28
C VAL D 79 -22.41 -5.01 -0.36
N LEU D 80 -21.91 -4.03 -1.15
CA LEU D 80 -22.64 -2.78 -1.37
C LEU D 80 -23.99 -3.00 -2.02
N GLU D 81 -24.21 -4.12 -2.73
CA GLU D 81 -25.57 -4.38 -3.32
C GLU D 81 -26.66 -4.59 -2.23
N LEU D 82 -26.25 -4.94 -1.03
CA LEU D 82 -27.24 -5.17 0.05
C LEU D 82 -27.78 -3.83 0.51
N GLY D 83 -26.88 -2.97 1.01
CA GLY D 83 -27.23 -1.55 1.30
C GLY D 83 -27.91 -0.87 0.13
N TYR D 84 -27.49 -1.13 -1.12
CA TYR D 84 -28.05 -0.39 -2.26
C TYR D 84 -29.49 -0.84 -2.55
N SER D 85 -29.87 -2.04 -2.15
CA SER D 85 -31.28 -2.50 -2.32
C SER D 85 -32.18 -1.61 -1.45
N TYR D 86 -31.73 -1.33 -0.23
CA TYR D 86 -32.38 -0.33 0.61
C TYR D 86 -32.42 1.03 -0.07
N LEU D 87 -31.25 1.60 -0.34
CA LEU D 87 -31.16 2.95 -0.87
C LEU D 87 -32.02 3.11 -2.11
N SER D 88 -31.98 2.12 -2.99
CA SER D 88 -32.62 2.23 -4.30
C SER D 88 -34.13 2.04 -4.19
N SER D 89 -34.56 1.30 -3.17
CA SER D 89 -35.96 0.98 -3.00
C SER D 89 -36.66 2.08 -2.23
N LEU D 90 -35.92 2.91 -1.52
CA LEU D 90 -36.35 4.24 -1.09
C LEU D 90 -36.43 5.24 -2.26
N SER D 91 -37.46 6.08 -2.36
CA SER D 91 -37.49 7.09 -3.45
C SER D 91 -36.35 8.12 -3.21
N LEU D 92 -36.23 8.59 -1.97
CA LEU D 92 -35.40 9.76 -1.69
C LEU D 92 -33.91 9.73 -2.22
N PRO D 93 -33.10 8.69 -1.89
CA PRO D 93 -31.67 8.82 -2.21
C PRO D 93 -31.35 9.12 -3.66
N GLU D 94 -31.94 8.37 -4.59
CA GLU D 94 -31.70 8.59 -6.05
C GLU D 94 -32.40 9.80 -6.59
N VAL D 95 -33.52 10.21 -5.96
CA VAL D 95 -34.18 11.50 -6.35
C VAL D 95 -33.27 12.68 -6.00
N ALA D 96 -32.63 12.64 -4.84
CA ALA D 96 -31.78 13.73 -4.33
C ALA D 96 -30.49 13.83 -5.11
N GLN D 97 -30.00 12.72 -5.61
CA GLN D 97 -28.67 12.65 -6.10
C GLN D 97 -28.35 13.68 -7.17
N PRO D 98 -29.14 13.79 -8.23
CA PRO D 98 -28.75 14.78 -9.23
C PRO D 98 -28.86 16.22 -8.73
N HIS D 99 -29.66 16.48 -7.70
CA HIS D 99 -29.70 17.86 -7.11
C HIS D 99 -28.48 18.14 -6.28
N LEU D 100 -27.97 17.14 -5.54
CA LEU D 100 -26.72 17.28 -4.78
C LEU D 100 -25.56 17.49 -5.74
N GLU D 101 -25.56 16.76 -6.87
CA GLU D 101 -24.49 16.96 -7.82
C GLU D 101 -24.47 18.42 -8.28
N LYS D 102 -25.64 18.99 -8.58
CA LYS D 102 -25.64 20.39 -8.97
C LYS D 102 -25.24 21.32 -7.84
N LEU D 103 -25.65 20.99 -6.62
CA LEU D 103 -25.37 21.83 -5.46
C LEU D 103 -23.89 21.89 -5.16
N SER D 104 -23.23 20.74 -5.22
CA SER D 104 -21.81 20.63 -4.88
C SER D 104 -20.98 21.19 -6.01
N HIS D 105 -21.45 20.99 -7.22
CA HIS D 105 -20.75 21.61 -8.33
C HIS D 105 -20.83 23.15 -8.27
N LYS D 106 -21.96 23.71 -7.80
CA LYS D 106 -22.09 25.16 -7.72
C LYS D 106 -21.27 25.74 -6.57
N VAL D 107 -21.32 25.14 -5.39
CA VAL D 107 -20.69 25.78 -4.22
C VAL D 107 -19.30 25.14 -3.93
N HIS D 108 -18.98 24.05 -4.60
CA HIS D 108 -17.69 23.39 -4.42
C HIS D 108 -17.45 22.97 -2.97
N GLU D 109 -18.49 22.38 -2.36
CA GLU D 109 -18.41 21.78 -1.04
C GLU D 109 -19.20 20.51 -1.05
N SER D 110 -18.89 19.60 -0.12
CA SER D 110 -19.63 18.36 0.07
C SER D 110 -21.06 18.59 0.46
N SER D 111 -21.99 17.88 -0.17
CA SER D 111 -23.41 18.00 0.17
C SER D 111 -23.99 16.61 0.50
N SER D 112 -25.07 16.54 1.29
CA SER D 112 -25.61 15.23 1.72
C SER D 112 -27.07 15.31 1.96
N VAL D 113 -27.71 14.14 2.11
CA VAL D 113 -29.06 14.03 2.58
C VAL D 113 -29.07 12.90 3.62
N SER D 114 -29.86 13.07 4.68
CA SER D 114 -29.95 12.05 5.69
C SER D 114 -31.42 11.94 6.15
N ILE D 115 -31.73 10.89 6.90
CA ILE D 115 -33.06 10.77 7.49
C ILE D 115 -32.85 10.38 8.97
N LEU D 116 -33.92 10.47 9.77
CA LEU D 116 -33.88 10.23 11.16
C LEU D 116 -34.12 8.73 11.40
N ASP D 117 -33.31 8.10 12.28
CA ASP D 117 -33.53 6.68 12.68
C ASP D 117 -33.34 6.60 14.22
N GLY D 118 -34.40 6.90 14.97
CA GLY D 118 -34.26 6.95 16.43
C GLY D 118 -33.43 8.16 16.85
N ALA D 119 -32.43 7.95 17.71
CA ALA D 119 -31.61 9.07 18.15
C ALA D 119 -30.51 9.53 17.12
N ASP D 120 -30.37 8.79 16.00
CA ASP D 120 -29.30 9.06 15.01
C ASP D 120 -29.87 9.57 13.71
N ILE D 121 -29.04 10.28 12.96
CA ILE D 121 -29.35 10.48 11.56
C ILE D 121 -28.52 9.46 10.78
N VAL D 122 -29.02 9.03 9.64
CA VAL D 122 -28.24 8.17 8.84
C VAL D 122 -28.12 8.77 7.47
N TYR D 123 -26.89 8.83 6.99
CA TYR D 123 -26.63 9.39 5.64
C TYR D 123 -27.09 8.50 4.52
N VAL D 124 -27.87 9.02 3.58
CA VAL D 124 -28.44 8.14 2.53
C VAL D 124 -28.03 8.62 1.15
N ALA D 125 -27.45 9.83 1.03
CA ALA D 125 -26.99 10.32 -0.28
C ALA D 125 -25.92 11.39 -0.04
N ARG D 126 -24.99 11.53 -0.98
CA ARG D 126 -23.82 12.37 -0.77
C ARG D 126 -23.28 12.84 -2.11
N VAL D 127 -22.52 13.93 -2.08
CA VAL D 127 -21.54 14.19 -3.14
C VAL D 127 -20.31 14.76 -2.40
N PRO D 128 -19.16 14.06 -2.46
CA PRO D 128 -17.96 14.54 -1.73
C PRO D 128 -17.17 15.50 -2.56
N VAL D 129 -16.51 16.45 -1.91
CA VAL D 129 -15.64 17.31 -2.63
C VAL D 129 -14.31 17.16 -1.91
N SER D 130 -13.30 16.81 -2.69
CA SER D 130 -11.99 16.47 -2.18
C SER D 130 -10.94 17.57 -2.31
N ARG D 131 -10.26 17.85 -1.22
CA ARG D 131 -9.06 18.69 -1.25
C ARG D 131 -8.08 18.16 -0.20
N ILE D 132 -7.12 18.93 0.28
CA ILE D 132 -6.18 18.29 1.26
C ILE D 132 -6.93 17.90 2.53
N MSE D 133 -7.69 18.86 3.08
CA MSE D 133 -8.56 18.59 4.19
C MSE D 133 -10.01 18.48 3.70
O MSE D 133 -10.58 19.43 3.21
CB MSE D 133 -8.42 19.73 5.24
CG MSE D 133 -9.00 19.37 6.57
SE MSE D 133 -8.37 20.69 7.82
CE MSE D 133 -9.12 22.34 6.99
N THR D 134 -10.56 17.28 3.82
CA THR D 134 -11.79 16.93 3.17
C THR D 134 -12.86 16.67 4.17
N VAL D 135 -14.04 17.14 3.88
CA VAL D 135 -15.23 16.75 4.63
C VAL D 135 -15.82 15.56 3.91
N GLY D 136 -15.71 14.41 4.55
CA GLY D 136 -16.18 13.18 4.01
C GLY D 136 -16.94 12.42 5.05
N ILE D 137 -18.21 12.20 4.79
CA ILE D 137 -18.96 11.27 5.53
C ILE D 137 -19.64 10.41 4.50
N THR D 138 -19.55 9.12 4.66
CA THR D 138 -20.03 8.19 3.68
C THR D 138 -21.46 7.82 3.94
N ILE D 139 -22.17 7.41 2.90
CA ILE D 139 -23.49 6.84 3.00
C ILE D 139 -23.44 5.68 3.98
N GLY D 140 -24.46 5.58 4.84
CA GLY D 140 -24.55 4.54 5.87
C GLY D 140 -23.96 4.98 7.21
N THR D 141 -23.25 6.11 7.20
CA THR D 141 -22.72 6.66 8.48
C THR D 141 -23.87 7.13 9.38
N ARG D 142 -23.80 6.85 10.68
CA ARG D 142 -24.87 7.26 11.59
C ARG D 142 -24.24 8.22 12.57
N LEU D 143 -24.91 9.33 12.86
CA LEU D 143 -24.36 10.31 13.81
C LEU D 143 -25.49 10.75 14.71
N PRO D 144 -25.14 11.23 15.91
CA PRO D 144 -26.18 11.64 16.86
C PRO D 144 -26.91 12.84 16.34
N ALA D 145 -28.24 12.80 16.33
CA ALA D 145 -29.06 13.87 15.83
C ALA D 145 -28.82 15.20 16.56
N TYR D 146 -28.56 15.20 17.85
CA TYR D 146 -28.50 16.48 18.62
C TYR D 146 -27.29 17.37 18.25
N ALA D 147 -26.24 16.74 17.70
CA ALA D 147 -24.99 17.43 17.37
C ALA D 147 -24.72 17.69 15.91
N THR D 148 -25.70 17.59 15.01
CA THR D 148 -25.48 17.75 13.60
C THR D 148 -26.52 18.69 13.11
N SER D 149 -26.21 19.41 12.02
CA SER D 149 -27.17 20.39 11.54
C SER D 149 -28.40 19.66 10.98
N MSE D 150 -28.17 18.53 10.32
CA MSE D 150 -29.33 17.75 9.82
C MSE D 150 -30.19 17.14 10.91
O MSE D 150 -31.41 17.03 10.79
CB MSE D 150 -28.89 16.66 8.84
CG MSE D 150 -28.43 17.27 7.55
SE MSE D 150 -28.20 16.01 5.99
CE MSE D 150 -26.61 15.12 6.74
N GLY D 151 -29.55 16.68 11.97
CA GLY D 151 -30.31 16.13 13.11
C GLY D 151 -31.22 17.14 13.78
N ARG D 152 -30.74 18.36 13.97
CA ARG D 152 -31.58 19.40 14.56
C ARG D 152 -32.74 19.77 13.64
N VAL D 153 -32.50 19.81 12.31
CA VAL D 153 -33.62 20.00 11.33
C VAL D 153 -34.64 18.85 11.44
N LEU D 154 -34.14 17.62 11.51
CA LEU D 154 -35.04 16.46 11.62
C LEU D 154 -35.81 16.43 12.96
N LEU D 155 -35.13 16.66 14.09
CA LEU D 155 -35.79 16.80 15.44
C LEU D 155 -36.83 17.95 15.46
N ALA D 156 -36.54 19.09 14.80
CA ALA D 156 -37.53 20.19 14.67
C ALA D 156 -38.86 19.77 14.04
N GLY D 157 -38.81 18.77 13.19
CA GLY D 157 -39.96 18.30 12.45
C GLY D 157 -40.77 17.28 13.26
N LEU D 158 -40.31 16.90 14.46
CA LEU D 158 -41.08 16.01 15.33
C LEU D 158 -42.20 16.77 16.05
N PRO D 159 -43.34 16.11 16.29
CA PRO D 159 -44.32 16.72 17.16
C PRO D 159 -43.73 16.95 18.56
N ASP D 160 -44.20 17.96 19.28
CA ASP D 160 -43.61 18.35 20.56
C ASP D 160 -43.44 17.18 21.58
N ASP D 161 -44.39 16.26 21.59
CA ASP D 161 -44.40 15.15 22.55
C ASP D 161 -43.30 14.15 22.21
N GLU D 162 -43.08 13.93 20.94
CA GLU D 162 -41.98 13.07 20.45
C GLU D 162 -40.60 13.72 20.68
N LEU D 163 -40.52 15.02 20.41
CA LEU D 163 -39.36 15.80 20.77
C LEU D 163 -39.03 15.69 22.28
N ASP D 164 -40.03 15.91 23.14
CA ASP D 164 -39.79 15.78 24.57
C ASP D 164 -39.35 14.38 24.99
N ALA D 165 -39.94 13.34 24.40
CA ALA D 165 -39.56 11.94 24.71
C ALA D 165 -38.12 11.67 24.27
N TYR D 166 -37.75 12.13 23.07
CA TYR D 166 -36.37 12.09 22.61
C TYR D 166 -35.36 12.72 23.59
N LEU D 167 -35.71 13.91 24.10
CA LEU D 167 -34.87 14.65 25.01
C LEU D 167 -34.77 13.93 26.38
N GLU D 168 -35.89 13.31 26.82
CA GLU D 168 -35.93 12.56 28.08
C GLU D 168 -34.91 11.40 28.07
N LYS D 169 -34.77 10.70 26.93
CA LYS D 169 -33.80 9.63 26.82
C LYS D 169 -32.38 10.07 26.47
N LEU D 170 -32.15 11.36 26.23
CA LEU D 170 -30.87 11.77 25.63
C LEU D 170 -29.78 12.04 26.68
N ASP D 171 -28.64 11.41 26.50
CA ASP D 171 -27.49 11.74 27.28
C ASP D 171 -26.51 12.56 26.42
N ILE D 172 -26.52 13.87 26.61
CA ILE D 172 -25.69 14.75 25.79
C ILE D 172 -24.22 14.58 26.12
N GLN D 173 -23.38 14.35 25.12
CA GLN D 173 -21.94 14.32 25.32
C GLN D 173 -21.23 15.60 24.85
N ARG D 174 -20.14 15.92 25.52
CA ARG D 174 -19.28 17.00 25.11
C ARG D 174 -18.37 16.67 23.91
N LEU D 175 -18.86 16.76 22.68
CA LEU D 175 -18.03 16.36 21.55
C LEU D 175 -16.90 17.32 21.23
N THR D 176 -17.16 18.62 21.40
CA THR D 176 -16.14 19.63 21.30
C THR D 176 -16.39 20.60 22.45
N GLU D 177 -15.50 21.57 22.61
CA GLU D 177 -15.72 22.58 23.63
C GLU D 177 -16.96 23.46 23.37
N ARG D 178 -17.48 23.44 22.14
CA ARG D 178 -18.62 24.21 21.77
C ARG D 178 -19.98 23.50 21.81
N THR D 179 -20.01 22.17 21.87
CA THR D 179 -21.25 21.46 21.88
C THR D 179 -22.19 21.97 23.00
N ILE D 180 -23.45 22.21 22.66
CA ILE D 180 -24.45 22.57 23.65
C ILE D 180 -24.48 21.45 24.72
N THR D 181 -24.58 21.81 25.98
CA THR D 181 -24.54 20.82 27.06
C THR D 181 -25.86 20.58 27.79
N ALA D 182 -26.84 21.45 27.61
CA ALA D 182 -28.03 21.48 28.48
C ALA D 182 -29.23 21.15 27.62
N ARG D 183 -30.15 20.36 28.17
CA ARG D 183 -31.33 19.95 27.41
C ARG D 183 -32.26 21.07 27.06
N ASP D 184 -32.45 21.97 28.00
CA ASP D 184 -33.34 23.10 27.69
C ASP D 184 -32.74 23.99 26.60
N GLU D 185 -31.43 24.20 26.67
CA GLU D 185 -30.71 24.89 25.64
C GLU D 185 -30.84 24.19 24.28
N LEU D 186 -30.69 22.89 24.26
CA LEU D 186 -30.86 22.11 23.03
C LEU D 186 -32.29 22.25 22.53
N LYS D 187 -33.25 22.13 23.43
CA LYS D 187 -34.60 22.18 22.98
C LYS D 187 -34.84 23.57 22.37
N ALA D 188 -34.41 24.63 23.06
CA ALA D 188 -34.58 25.96 22.47
C ALA D 188 -33.90 26.09 21.08
N ALA D 189 -32.68 25.54 20.91
CA ALA D 189 -32.02 25.55 19.60
C ALA D 189 -32.89 24.87 18.51
N ILE D 190 -33.50 23.75 18.84
CA ILE D 190 -34.31 22.98 17.90
C ILE D 190 -35.55 23.77 17.51
N LEU D 191 -36.15 24.44 18.49
CA LEU D 191 -37.38 25.17 18.23
C LEU D 191 -37.07 26.38 17.29
N ALA D 192 -35.89 26.98 17.46
CA ALA D 192 -35.46 28.09 16.58
C ALA D 192 -35.16 27.58 15.18
N VAL D 193 -34.71 26.32 15.07
CA VAL D 193 -34.47 25.75 13.73
C VAL D 193 -35.83 25.58 13.06
N ARG D 194 -36.81 25.14 13.85
CA ARG D 194 -38.14 24.95 13.35
C ARG D 194 -38.65 26.30 12.79
N ALA D 195 -38.41 27.39 13.52
CA ALA D 195 -38.83 28.74 13.10
C ALA D 195 -38.07 29.28 11.89
N ASP D 196 -36.73 29.12 11.85
CA ASP D 196 -35.88 29.67 10.78
C ASP D 196 -35.88 28.82 9.51
N GLY D 197 -36.19 27.54 9.62
CA GLY D 197 -36.15 26.69 8.42
C GLY D 197 -34.73 26.28 7.98
N ILE D 198 -33.71 26.55 8.81
CA ILE D 198 -32.36 26.05 8.58
C ILE D 198 -31.63 25.91 9.90
N CYS D 199 -30.55 25.13 9.91
CA CYS D 199 -29.70 25.05 11.06
C CYS D 199 -28.26 25.19 10.59
N VAL D 200 -27.49 26.06 11.25
CA VAL D 200 -26.02 26.16 11.01
C VAL D 200 -25.35 25.59 12.27
N LEU D 201 -24.56 24.56 12.11
CA LEU D 201 -23.95 23.89 13.27
C LEU D 201 -22.48 24.30 13.16
N ASP D 202 -22.06 25.14 14.09
CA ASP D 202 -20.73 25.74 14.05
C ASP D 202 -19.79 25.04 15.06
N GLN D 203 -19.13 23.99 14.61
CA GLN D 203 -18.01 23.42 15.31
C GLN D 203 -18.42 22.75 16.60
N GLU D 204 -19.64 22.32 16.65
CA GLU D 204 -20.15 21.49 17.76
C GLU D 204 -19.96 20.01 17.64
N LEU D 205 -19.68 19.55 16.42
CA LEU D 205 -19.44 18.12 16.16
C LEU D 205 -17.92 17.85 16.03
N GLU D 206 -17.20 18.66 15.27
CA GLU D 206 -15.73 18.57 15.17
C GLU D 206 -15.18 19.99 15.11
N ALA D 207 -14.10 20.22 15.85
CA ALA D 207 -13.40 21.51 15.82
C ALA D 207 -13.03 21.80 14.38
N GLY D 208 -13.26 23.03 13.97
CA GLY D 208 -12.94 23.43 12.61
C GLY D 208 -13.88 23.03 11.52
N LEU D 209 -14.99 22.40 11.90
CA LEU D 209 -16.01 21.97 10.94
C LEU D 209 -17.34 22.73 11.12
N ARG D 210 -17.94 23.18 10.01
CA ARG D 210 -19.22 23.82 10.05
C ARG D 210 -20.16 23.07 9.10
N SER D 211 -21.47 23.03 9.39
CA SER D 211 -22.43 22.55 8.41
C SER D 211 -23.70 23.30 8.50
N MSE D 212 -24.53 23.20 7.47
CA MSE D 212 -25.82 23.91 7.49
C MSE D 212 -26.85 23.00 6.78
O MSE D 212 -26.50 22.32 5.81
CB MSE D 212 -25.66 25.27 6.74
CG MSE D 212 -25.16 25.09 5.33
SE MSE D 212 -23.62 26.31 4.79
CE MSE D 212 -22.02 25.45 5.80
N ALA D 213 -28.10 22.99 7.25
CA ALA D 213 -29.07 22.02 6.80
C ALA D 213 -30.40 22.70 6.67
N ALA D 214 -31.17 22.19 5.72
CA ALA D 214 -32.52 22.64 5.47
C ALA D 214 -33.37 21.37 5.43
N PRO D 215 -34.66 21.48 5.78
CA PRO D 215 -35.53 20.28 5.75
C PRO D 215 -36.05 19.94 4.36
N ILE D 216 -36.44 18.67 4.20
CA ILE D 216 -37.11 18.22 2.97
C ILE D 216 -38.46 17.69 3.45
N ARG D 217 -39.55 18.31 2.97
CA ARG D 217 -40.92 17.91 3.34
C ARG D 217 -41.48 16.82 2.45
N GLY D 218 -42.23 15.93 3.08
CA GLY D 218 -42.76 14.79 2.40
C GLY D 218 -44.20 15.03 2.00
N ALA D 219 -44.86 13.93 1.61
CA ALA D 219 -46.22 13.97 1.09
C ALA D 219 -47.11 14.69 2.14
N SER D 220 -46.85 14.36 3.41
CA SER D 220 -47.54 14.91 4.58
C SER D 220 -47.43 16.42 4.84
N GLY D 221 -46.54 17.12 4.12
CA GLY D 221 -46.18 18.51 4.47
C GLY D 221 -45.23 18.54 5.69
N LEU D 222 -44.85 17.37 6.18
CA LEU D 222 -43.97 17.18 7.34
C LEU D 222 -42.56 16.92 6.85
N THR D 223 -41.57 17.40 7.61
CA THR D 223 -40.16 17.11 7.34
C THR D 223 -39.93 15.62 7.36
N VAL D 224 -39.41 15.05 6.28
CA VAL D 224 -39.05 13.66 6.21
C VAL D 224 -37.55 13.40 6.05
N ALA D 225 -36.77 14.43 5.72
CA ALA D 225 -35.33 14.22 5.49
C ALA D 225 -34.71 15.59 5.59
N ALA D 226 -33.38 15.69 5.42
CA ALA D 226 -32.74 16.99 5.46
C ALA D 226 -31.59 16.95 4.46
N VAL D 227 -31.24 18.12 3.95
CA VAL D 227 -30.09 18.17 3.07
C VAL D 227 -29.14 19.16 3.68
N ASN D 228 -27.85 18.97 3.42
CA ASN D 228 -26.84 19.83 4.04
C ASN D 228 -25.63 20.14 3.15
N ILE D 229 -24.91 21.18 3.54
CA ILE D 229 -23.56 21.39 3.05
C ILE D 229 -22.66 21.37 4.28
N SER D 230 -21.45 20.78 4.18
CA SER D 230 -20.45 20.89 5.24
C SER D 230 -19.15 21.34 4.66
N THR D 231 -18.44 22.11 5.47
CA THR D 231 -17.26 22.78 4.97
C THR D 231 -16.36 23.13 6.14
N PRO D 232 -15.03 23.21 5.91
CA PRO D 232 -14.17 23.72 6.97
C PRO D 232 -14.62 25.14 7.40
N ALA D 233 -14.60 25.40 8.70
CA ALA D 233 -14.85 26.74 9.23
C ALA D 233 -13.92 27.77 8.57
N ALA D 234 -12.68 27.36 8.26
CA ALA D 234 -11.70 28.31 7.75
C ALA D 234 -11.91 28.69 6.29
N ARG D 235 -12.77 27.99 5.57
CA ARG D 235 -13.09 28.37 4.18
C ARG D 235 -14.08 29.52 3.99
N TYR D 236 -14.99 29.74 4.95
CA TYR D 236 -16.08 30.74 4.79
C TYR D 236 -16.37 31.40 6.12
N SER D 237 -16.63 32.71 6.10
CA SER D 237 -17.10 33.41 7.28
C SER D 237 -18.54 33.00 7.47
N LEU D 238 -19.07 33.18 8.69
CA LEU D 238 -20.50 32.89 8.91
C LEU D 238 -21.37 33.73 7.94
N GLU D 239 -21.03 35.01 7.77
CA GLU D 239 -21.65 35.86 6.78
C GLU D 239 -21.72 35.25 5.38
N ASP D 240 -20.60 34.75 4.83
CA ASP D 240 -20.52 34.08 3.53
C ASP D 240 -21.50 32.90 3.51
N LEU D 241 -21.60 32.15 4.60
CA LEU D 241 -22.52 31.02 4.60
C LEU D 241 -23.94 31.53 4.35
N HIS D 242 -24.32 32.57 5.09
CA HIS D 242 -25.69 33.08 5.06
C HIS D 242 -26.01 33.73 3.75
N SER D 243 -25.01 34.36 3.12
CA SER D 243 -25.21 35.10 1.88
C SER D 243 -25.14 34.28 0.62
N ASP D 244 -24.22 33.32 0.56
CA ASP D 244 -23.86 32.64 -0.66
C ASP D 244 -24.38 31.18 -0.64
N LEU D 245 -23.99 30.43 0.40
CA LEU D 245 -24.23 29.01 0.38
C LEU D 245 -25.64 28.64 0.78
N ILE D 246 -26.11 29.19 1.89
CA ILE D 246 -27.44 28.83 2.40
C ILE D 246 -28.63 29.13 1.40
N PRO D 247 -28.62 30.27 0.68
CA PRO D 247 -29.72 30.44 -0.31
C PRO D 247 -29.74 29.30 -1.37
N SER D 248 -28.60 28.83 -1.84
CA SER D 248 -28.54 27.71 -2.76
C SER D 248 -29.08 26.43 -2.12
N LEU D 249 -28.71 26.16 -0.87
CA LEU D 249 -29.13 24.97 -0.18
C LEU D 249 -30.62 24.98 -0.05
N ARG D 250 -31.21 26.13 0.24
CA ARG D 250 -32.68 26.23 0.39
C ARG D 250 -33.37 25.92 -0.97
N VAL D 251 -32.83 26.37 -2.09
CA VAL D 251 -33.49 26.05 -3.36
C VAL D 251 -33.29 24.56 -3.71
N THR D 252 -32.12 24.00 -3.38
CA THR D 252 -31.91 22.56 -3.48
C THR D 252 -32.93 21.74 -2.67
N ALA D 253 -33.16 22.11 -1.41
CA ALA D 253 -34.17 21.46 -0.61
C ALA D 253 -35.50 21.44 -1.33
N THR D 254 -35.95 22.59 -1.83
CA THR D 254 -37.27 22.66 -2.46
C THR D 254 -37.31 21.94 -3.84
N ASP D 255 -36.22 21.95 -4.59
CA ASP D 255 -36.11 21.15 -5.83
C ASP D 255 -36.29 19.66 -5.50
N ILE D 256 -35.67 19.19 -4.40
CA ILE D 256 -35.72 17.78 -4.03
C ILE D 256 -37.17 17.46 -3.59
N GLU D 257 -37.80 18.30 -2.76
CA GLU D 257 -39.22 18.11 -2.36
C GLU D 257 -40.11 17.99 -3.56
N GLN D 258 -39.96 18.87 -4.54
CA GLN D 258 -40.76 18.79 -5.76
C GLN D 258 -40.59 17.51 -6.54
N ASP D 259 -39.34 17.04 -6.68
CA ASP D 259 -39.08 15.78 -7.39
C ASP D 259 -39.63 14.58 -6.63
N LEU D 260 -39.59 14.67 -5.33
CA LEU D 260 -40.11 13.65 -4.46
C LEU D 260 -41.62 13.53 -4.59
N ALA D 261 -42.32 14.67 -4.64
CA ALA D 261 -43.75 14.71 -4.92
C ALA D 261 -44.13 14.06 -6.27
N THR D 262 -43.33 14.26 -7.32
CA THR D 262 -43.69 13.66 -8.62
C THR D 262 -43.66 12.14 -8.54
N VAL D 263 -42.70 11.59 -7.78
CA VAL D 263 -42.45 10.14 -7.76
C VAL D 263 -43.39 9.40 -6.82
N ASN D 264 -44.04 10.12 -5.92
CA ASN D 264 -44.96 9.48 -4.95
C ASN D 264 -46.47 9.70 -5.22
#